data_7PAF
#
_entry.id   7PAF
#
_cell.length_a   1.00
_cell.length_b   1.00
_cell.length_c   1.00
_cell.angle_alpha   90.00
_cell.angle_beta   90.00
_cell.angle_gamma   90.00
#
_symmetry.space_group_name_H-M   'P 1'
#
loop_
_entity.id
_entity.type
_entity.pdbx_description
1 polymer Nanobody
2 polymer 'LicB protein'
3 non-polymer '(1S)-2-{[{[(2R)-2,3-DIHYDROXYPROPYL]OXY}(HYDROXY)PHOSPHORYL]OXY}-1-[(PALMITOYLOXY)METHYL]ETHYL STEARATE'
#
loop_
_entity_poly.entity_id
_entity_poly.type
_entity_poly.pdbx_seq_one_letter_code
_entity_poly.pdbx_strand_id
1 'polypeptide(L)'
;GSSSQVQLVESGGGSVQAGGSLRLSCAASGTIHAIGYLGWFRQAPGKEREGVAALTTYDGWTYYADSVKGRFTVSLDNAK
NTVYLQMNSLKPEDTALYYCAAADDGWMFPLYHNHYEYWGQGTQVTVSAGRAGEQKLISEEDLNSAVDHHHHHH
;
B,C
2 'polypeptide(L)'
;MKSKNGVPFGLLSGIFWGLGLTVSAYIFSIFTDLSPFVVAATHDFLSIFILLAFLLVKEGKVRLSIFLNIRNVSVIIGAL
LAGPIGMQANLYAVKYIGSSLASSVSAIYPAISVLLAFFFLKHKISKNTVFGIVLIIGGIIAQTYKVEQVNSFYIGILCA
LVCAIAWGSESVLSSFAMESELSEIEALLIRQVTSFLSYLVIVLFSHQSFTAVANGQLLGLMIVFAAFDMISYLAYYIAI
NRLQPAKATGLNVSYVVWTVLFAVVFLGAPLDMLTIMTSLVVIAGVYIIIKE
;
A,D
#
loop_
_chem_comp.id
_chem_comp.type
_chem_comp.name
_chem_comp.formula
PGT non-polymer '(1S)-2-{[{[(2R)-2,3-DIHYDROXYPROPYL]OXY}(HYDROXY)PHOSPHORYL]OXY}-1-[(PALMITOYLOXY)METHYL]ETHYL STEARATE' 'C40 H79 O10 P'
#
# COMPACT_ATOMS: atom_id res chain seq x y z
N GLN A 5 -18.76 2.75 19.66
CA GLN A 5 -18.28 1.73 20.58
C GLN A 5 -18.98 1.85 21.93
N VAL A 6 -19.28 3.08 22.35
CA VAL A 6 -19.92 3.35 23.62
C VAL A 6 -21.18 4.15 23.37
N GLN A 7 -22.30 3.70 23.94
CA GLN A 7 -23.57 4.41 23.85
C GLN A 7 -23.74 5.32 25.06
N LEU A 8 -24.12 6.57 24.80
CA LEU A 8 -24.25 7.58 25.83
C LEU A 8 -25.70 8.01 25.94
N VAL A 9 -26.22 8.05 27.17
CA VAL A 9 -27.59 8.47 27.43
C VAL A 9 -27.57 9.60 28.45
N GLU A 10 -28.31 10.66 28.18
CA GLU A 10 -28.39 11.82 29.04
C GLU A 10 -29.76 11.90 29.70
N SER A 11 -29.79 12.49 30.90
CA SER A 11 -31.04 12.61 31.66
C SER A 11 -30.97 13.83 32.55
N GLY A 12 -32.14 14.35 32.90
CA GLY A 12 -32.27 15.49 33.79
C GLY A 12 -32.66 16.79 33.12
N GLY A 13 -32.79 16.82 31.80
CA GLY A 13 -33.11 18.06 31.12
C GLY A 13 -34.51 18.53 31.40
N GLY A 14 -34.72 19.83 31.21
CA GLY A 14 -36.02 20.43 31.45
C GLY A 14 -35.92 21.93 31.55
N SER A 15 -36.96 22.52 32.13
CA SER A 15 -37.06 23.97 32.30
C SER A 15 -36.76 24.33 33.74
N VAL A 16 -35.89 25.33 33.93
CA VAL A 16 -35.49 25.79 35.25
C VAL A 16 -35.54 27.31 35.28
N GLN A 17 -36.00 27.87 36.40
CA GLN A 17 -36.02 29.31 36.57
C GLN A 17 -34.61 29.83 36.82
N ALA A 18 -34.29 30.98 36.24
CA ALA A 18 -32.97 31.57 36.42
C ALA A 18 -32.72 31.92 37.87
N GLY A 19 -31.49 31.68 38.33
CA GLY A 19 -31.11 31.92 39.71
C GLY A 19 -31.09 30.70 40.59
N GLY A 20 -31.48 29.54 40.08
CA GLY A 20 -31.50 28.30 40.83
C GLY A 20 -30.31 27.42 40.51
N SER A 21 -30.57 26.12 40.43
CA SER A 21 -29.53 25.15 40.14
C SER A 21 -30.17 23.93 39.50
N LEU A 22 -29.33 23.09 38.90
CA LEU A 22 -29.82 21.90 38.23
C LEU A 22 -28.70 20.86 38.16
N ARG A 23 -29.10 19.60 38.00
CA ARG A 23 -28.16 18.49 37.87
C ARG A 23 -28.51 17.69 36.63
N LEU A 24 -27.48 17.35 35.85
CA LEU A 24 -27.64 16.57 34.62
C LEU A 24 -26.78 15.31 34.72
N SER A 25 -27.33 14.20 34.25
CA SER A 25 -26.67 12.89 34.37
C SER A 25 -26.36 12.31 33.00
N CYS A 26 -25.21 11.65 32.92
CA CYS A 26 -24.79 10.93 31.72
C CYS A 26 -24.37 9.52 32.08
N ALA A 27 -24.95 8.54 31.41
CA ALA A 27 -24.60 7.13 31.60
C ALA A 27 -24.02 6.57 30.32
N ALA A 28 -22.89 5.88 30.44
CA ALA A 28 -22.19 5.28 29.32
C ALA A 28 -22.31 3.77 29.40
N SER A 29 -22.51 3.13 28.24
CA SER A 29 -22.65 1.69 28.15
C SER A 29 -21.76 1.15 27.06
N GLY A 30 -21.16 -0.01 27.30
CA GLY A 30 -20.28 -0.64 26.33
C GLY A 30 -18.85 -0.78 26.82
N THR A 31 -17.89 -0.66 25.90
CA THR A 31 -16.47 -0.81 26.22
C THR A 31 -16.01 0.48 26.91
N ILE A 32 -16.16 0.51 28.23
CA ILE A 32 -15.91 1.71 29.01
C ILE A 32 -14.62 1.61 29.81
N HIS A 33 -13.68 0.77 29.39
CA HIS A 33 -12.46 0.55 30.16
C HIS A 33 -11.33 1.48 29.75
N ALA A 34 -11.24 1.86 28.48
CA ALA A 34 -10.11 2.61 27.96
C ALA A 34 -10.47 4.05 27.58
N ILE A 35 -11.58 4.57 28.08
CA ILE A 35 -11.98 5.95 27.83
C ILE A 35 -11.31 6.85 28.88
N GLY A 36 -10.44 7.74 28.41
CA GLY A 36 -9.69 8.59 29.30
C GLY A 36 -10.45 9.80 29.82
N TYR A 37 -10.89 10.66 28.91
CA TYR A 37 -11.58 11.90 29.25
C TYR A 37 -13.09 11.72 29.11
N LEU A 38 -13.82 12.16 30.13
CA LEU A 38 -15.26 12.31 30.00
C LEU A 38 -15.59 13.80 29.84
N GLY A 39 -16.70 14.09 29.15
CA GLY A 39 -16.99 15.45 28.77
C GLY A 39 -18.45 15.82 28.97
N TRP A 40 -18.71 17.10 28.80
CA TRP A 40 -20.06 17.66 28.91
C TRP A 40 -20.07 18.94 28.10
N PHE A 41 -20.79 18.94 26.98
CA PHE A 41 -20.87 20.06 26.07
C PHE A 41 -22.31 20.54 25.98
N ARG A 42 -22.50 21.71 25.36
CA ARG A 42 -23.83 22.23 25.08
C ARG A 42 -23.82 22.91 23.72
N ARG A 49 -20.67 23.29 19.27
CA ARG A 49 -20.46 22.31 20.34
C ARG A 49 -19.30 22.81 21.19
N GLU A 50 -19.63 23.64 22.18
CA GLU A 50 -18.62 24.27 23.02
C GLU A 50 -18.26 23.39 24.20
N GLY A 51 -17.04 23.55 24.67
CA GLY A 51 -16.57 22.78 25.82
C GLY A 51 -16.98 23.44 27.12
N VAL A 52 -17.74 22.71 27.94
CA VAL A 52 -18.25 23.25 29.18
C VAL A 52 -17.66 22.50 30.36
N ALA A 53 -17.36 21.22 30.17
CA ALA A 53 -16.77 20.44 31.26
C ALA A 53 -16.04 19.24 30.69
N ALA A 54 -14.95 18.87 31.33
CA ALA A 54 -14.22 17.66 30.95
C ALA A 54 -13.40 17.16 32.12
N LEU A 55 -13.69 15.95 32.58
CA LEU A 55 -12.98 15.33 33.69
C LEU A 55 -12.02 14.27 33.17
N THR A 56 -10.92 14.10 33.91
CA THR A 56 -10.02 12.97 33.70
C THR A 56 -10.36 11.88 34.70
N THR A 57 -10.40 10.64 34.22
CA THR A 57 -10.84 9.53 35.06
C THR A 57 -9.82 9.19 36.14
N TYR A 58 -8.59 8.88 35.73
CA TYR A 58 -7.59 8.41 36.68
C TYR A 58 -7.17 9.52 37.65
N ASP A 59 -6.64 10.61 37.13
CA ASP A 59 -6.11 11.67 37.98
C ASP A 59 -7.23 12.33 38.80
N GLY A 60 -8.33 12.66 38.15
CA GLY A 60 -9.45 13.28 38.83
C GLY A 60 -9.55 14.79 38.70
N TRP A 61 -8.87 15.38 37.73
CA TRP A 61 -8.96 16.81 37.48
C TRP A 61 -10.14 17.11 36.57
N THR A 62 -10.67 18.33 36.69
CA THR A 62 -11.80 18.77 35.89
C THR A 62 -11.50 20.13 35.28
N TYR A 63 -11.56 20.21 33.95
CA TYR A 63 -11.41 21.45 33.23
C TYR A 63 -12.79 21.99 32.85
N TYR A 64 -12.92 23.31 32.91
CA TYR A 64 -14.19 23.98 32.67
C TYR A 64 -13.98 25.07 31.62
N ALA A 65 -15.07 25.75 31.29
CA ALA A 65 -15.03 26.93 30.43
C ALA A 65 -14.92 28.18 31.31
N ASP A 66 -14.15 29.16 30.84
CA ASP A 66 -13.95 30.38 31.61
C ASP A 66 -15.26 31.11 31.86
N SER A 67 -16.24 30.95 30.96
CA SER A 67 -17.54 31.59 31.15
C SER A 67 -18.27 31.02 32.37
N VAL A 68 -18.06 29.74 32.67
CA VAL A 68 -18.76 29.06 33.75
C VAL A 68 -17.83 28.50 34.81
N LYS A 69 -16.52 28.74 34.70
CA LYS A 69 -15.57 28.25 35.68
C LYS A 69 -15.89 28.82 37.06
N GLY A 70 -16.14 27.93 38.01
CA GLY A 70 -16.53 28.33 39.35
C GLY A 70 -18.02 28.28 39.61
N ARG A 71 -18.84 28.19 38.56
CA ARG A 71 -20.29 28.09 38.70
C ARG A 71 -20.82 26.70 38.43
N PHE A 72 -20.22 25.96 37.51
CA PHE A 72 -20.59 24.60 37.22
C PHE A 72 -19.55 23.66 37.81
N THR A 73 -19.98 22.46 38.18
CA THR A 73 -19.07 21.48 38.77
C THR A 73 -19.36 20.09 38.21
N VAL A 74 -18.32 19.27 38.19
CA VAL A 74 -18.36 17.94 37.61
C VAL A 74 -18.15 16.91 38.71
N SER A 75 -18.75 15.74 38.53
CA SER A 75 -18.51 14.63 39.45
C SER A 75 -18.66 13.31 38.69
N LEU A 76 -18.00 12.27 39.19
CA LEU A 76 -17.99 10.96 38.56
C LEU A 76 -18.52 9.91 39.52
N VAL A 83 -21.67 10.35 34.94
CA VAL A 83 -21.11 11.68 35.14
C VAL A 83 -22.22 12.63 35.49
N TYR A 84 -21.99 13.45 36.51
CA TYR A 84 -22.96 14.44 36.99
C TYR A 84 -22.41 15.83 36.74
N LEU A 85 -23.23 16.67 36.11
CA LEU A 85 -22.95 18.09 35.91
C LEU A 85 -23.91 18.89 36.76
N GLN A 86 -23.39 19.54 37.80
CA GLN A 86 -24.20 20.39 38.66
C GLN A 86 -23.97 21.84 38.23
N MET A 87 -25.00 22.46 37.65
CA MET A 87 -24.92 23.82 37.15
C MET A 87 -25.65 24.74 38.13
N ASN A 88 -24.94 25.75 38.63
CA ASN A 88 -25.48 26.73 39.55
C ASN A 88 -25.51 28.11 38.89
N SER A 89 -26.32 28.99 39.45
CA SER A 89 -26.49 30.36 38.98
C SER A 89 -26.85 30.38 37.49
N LEU A 90 -28.03 29.81 37.20
CA LEU A 90 -28.48 29.68 35.82
C LEU A 90 -28.87 31.02 35.24
N LYS A 91 -28.64 31.16 33.94
CA LYS A 91 -28.96 32.37 33.19
C LYS A 91 -29.64 31.97 31.89
N PRO A 92 -30.47 32.85 31.33
CA PRO A 92 -31.21 32.48 30.11
C PRO A 92 -30.32 32.14 28.92
N GLU A 93 -29.02 32.47 28.98
CA GLU A 93 -28.11 32.11 27.91
C GLU A 93 -27.75 30.63 27.91
N ASP A 94 -28.15 29.88 28.92
CA ASP A 94 -27.79 28.48 29.06
C ASP A 94 -28.78 27.53 28.41
N THR A 95 -29.78 28.04 27.69
CA THR A 95 -30.74 27.18 26.99
C THR A 95 -30.05 26.49 25.83
N ALA A 96 -29.87 25.17 25.94
CA ALA A 96 -29.17 24.42 24.90
C ALA A 96 -29.39 22.94 25.11
N LEU A 97 -29.07 22.16 24.07
CA LEU A 97 -29.00 20.71 24.17
C LEU A 97 -27.62 20.33 24.66
N TYR A 98 -27.56 19.67 25.81
CA TYR A 98 -26.31 19.24 26.40
C TYR A 98 -25.98 17.82 25.95
N TYR A 99 -24.74 17.61 25.54
CA TYR A 99 -24.26 16.35 24.99
C TYR A 99 -23.16 15.78 25.87
N CYS A 100 -23.13 14.45 25.95
CA CYS A 100 -22.06 13.74 26.61
C CYS A 100 -20.99 13.35 25.59
N ALA A 101 -19.79 13.02 26.09
CA ALA A 101 -18.71 12.67 25.19
C ALA A 101 -17.61 11.95 25.96
N ALA A 102 -16.87 11.12 25.24
CA ALA A 102 -15.74 10.39 25.82
C ALA A 102 -14.56 10.45 24.86
N ALA A 103 -13.38 10.16 25.39
CA ALA A 103 -12.15 10.25 24.62
C ALA A 103 -11.32 8.99 24.84
N ASP A 104 -10.87 8.39 23.74
CA ASP A 104 -10.07 7.16 23.84
C ASP A 104 -8.74 7.43 24.53
N ASP A 105 -8.12 8.57 24.25
CA ASP A 105 -6.81 8.88 24.81
C ASP A 105 -6.72 10.38 25.01
N GLY A 106 -6.32 10.80 26.21
CA GLY A 106 -6.25 12.21 26.53
C GLY A 106 -5.34 12.56 27.69
N TRP A 107 -4.57 13.63 27.52
CA TRP A 107 -3.69 14.13 28.57
C TRP A 107 -4.02 15.56 28.97
N MET A 108 -4.06 16.51 28.03
CA MET A 108 -4.20 17.91 28.40
C MET A 108 -5.07 18.74 27.47
N PHE A 109 -5.76 18.15 26.49
CA PHE A 109 -6.54 18.91 25.50
C PHE A 109 -8.02 18.56 25.61
N PRO A 110 -8.71 19.10 26.61
CA PRO A 110 -10.16 18.88 26.71
C PRO A 110 -10.96 19.93 25.98
N LEU A 111 -12.29 19.87 26.12
CA LEU A 111 -13.24 20.91 25.71
C LEU A 111 -13.38 21.07 24.21
N TYR A 112 -12.74 20.23 23.40
CA TYR A 112 -12.81 20.33 21.95
C TYR A 112 -13.71 19.22 21.43
N HIS A 113 -14.68 19.58 20.60
CA HIS A 113 -15.64 18.61 20.08
C HIS A 113 -15.12 17.85 18.87
N ASN A 114 -13.80 17.84 18.65
CA ASN A 114 -13.18 16.98 17.66
C ASN A 114 -12.32 15.89 18.27
N HIS A 115 -11.85 16.07 19.50
CA HIS A 115 -11.10 15.03 20.19
C HIS A 115 -12.00 13.86 20.56
N TYR A 116 -13.23 14.17 20.99
CA TYR A 116 -14.12 13.17 21.59
C TYR A 116 -14.88 12.45 20.48
N GLU A 117 -14.65 11.15 20.36
CA GLU A 117 -15.24 10.36 19.28
C GLU A 117 -16.60 9.78 19.65
N TYR A 118 -16.83 9.49 20.93
CA TYR A 118 -18.08 8.88 21.39
C TYR A 118 -19.05 10.00 21.75
N TRP A 119 -20.20 10.05 21.07
CA TRP A 119 -21.13 11.16 21.21
C TRP A 119 -22.51 10.64 21.58
N GLY A 120 -23.20 11.39 22.45
CA GLY A 120 -24.55 11.09 22.84
C GLY A 120 -25.57 11.91 22.08
N GLN A 121 -26.83 11.79 22.51
CA GLN A 121 -27.93 12.50 21.87
C GLN A 121 -28.21 13.86 22.48
N GLY A 122 -27.94 14.03 23.77
CA GLY A 122 -28.13 15.33 24.40
C GLY A 122 -29.56 15.55 24.85
N THR A 123 -29.69 16.31 25.92
CA THR A 123 -30.99 16.65 26.49
C THR A 123 -31.11 18.16 26.59
N GLN A 124 -32.35 18.65 26.44
CA GLN A 124 -32.58 20.09 26.39
C GLN A 124 -32.68 20.67 27.79
N VAL A 125 -32.00 21.80 28.02
CA VAL A 125 -32.09 22.57 29.25
C VAL A 125 -32.46 24.00 28.89
N THR A 126 -33.59 24.47 29.42
CA THR A 126 -34.10 25.80 29.13
C THR A 126 -34.18 26.60 30.41
N VAL A 127 -33.46 27.71 30.47
CA VAL A 127 -33.48 28.61 31.61
C VAL A 127 -34.47 29.74 31.31
N SER A 128 -35.34 30.03 32.28
CA SER A 128 -36.34 31.08 32.12
C SER A 128 -36.03 32.26 33.04
N GLY B 6 -6.50 -2.48 -4.28
CA GLY B 6 -5.08 -2.32 -4.01
C GLY B 6 -4.22 -2.44 -5.26
N VAL B 7 -4.33 -1.45 -6.13
CA VAL B 7 -3.55 -1.44 -7.38
C VAL B 7 -2.06 -1.13 -7.17
N PRO B 8 -1.64 -0.27 -6.21
CA PRO B 8 -0.20 -0.02 -6.10
C PRO B 8 0.58 -1.20 -5.54
N PHE B 9 -0.09 -2.16 -4.90
CA PHE B 9 0.61 -3.31 -4.34
C PHE B 9 1.20 -4.18 -5.43
N GLY B 10 0.55 -4.27 -6.59
CA GLY B 10 1.13 -5.00 -7.70
C GLY B 10 2.48 -4.43 -8.10
N LEU B 11 2.50 -3.13 -8.41
CA LEU B 11 3.75 -2.50 -8.81
C LEU B 11 4.78 -2.52 -7.69
N LEU B 12 4.33 -2.49 -6.43
CA LEU B 12 5.28 -2.58 -5.32
C LEU B 12 5.93 -3.95 -5.24
N SER B 13 5.13 -5.02 -5.40
CA SER B 13 5.70 -6.35 -5.51
C SER B 13 6.66 -6.43 -6.68
N GLY B 14 6.32 -5.77 -7.79
CA GLY B 14 7.22 -5.77 -8.94
C GLY B 14 8.57 -5.16 -8.61
N ILE B 15 8.56 -3.95 -8.05
CA ILE B 15 9.82 -3.27 -7.75
C ILE B 15 10.62 -4.03 -6.69
N PHE B 16 9.94 -4.66 -5.73
CA PHE B 16 10.68 -5.35 -4.68
C PHE B 16 11.26 -6.67 -5.18
N TRP B 17 10.54 -7.38 -6.06
CA TRP B 17 11.16 -8.56 -6.66
C TRP B 17 12.29 -8.17 -7.60
N GLY B 18 12.17 -7.03 -8.28
CA GLY B 18 13.28 -6.57 -9.10
C GLY B 18 14.52 -6.28 -8.27
N LEU B 19 14.33 -5.64 -7.12
CA LEU B 19 15.45 -5.42 -6.21
C LEU B 19 16.02 -6.75 -5.71
N GLY B 20 15.15 -7.69 -5.33
CA GLY B 20 15.64 -8.99 -4.89
C GLY B 20 16.44 -9.71 -5.96
N LEU B 21 15.98 -9.62 -7.20
CA LEU B 21 16.65 -10.33 -8.29
C LEU B 21 17.99 -9.67 -8.63
N THR B 22 18.05 -8.33 -8.61
CA THR B 22 19.32 -7.67 -8.85
C THR B 22 20.26 -7.72 -7.64
N VAL B 23 19.76 -8.13 -6.47
CA VAL B 23 20.66 -8.47 -5.38
C VAL B 23 21.18 -9.89 -5.55
N SER B 24 20.33 -10.80 -6.01
CA SER B 24 20.75 -12.18 -6.25
C SER B 24 21.81 -12.24 -7.34
N ALA B 25 21.66 -11.45 -8.40
CA ALA B 25 22.68 -11.39 -9.43
C ALA B 25 24.01 -10.90 -8.86
N TYR B 26 23.96 -9.89 -7.99
CA TYR B 26 25.17 -9.38 -7.36
C TYR B 26 25.84 -10.45 -6.49
N ILE B 27 25.03 -11.18 -5.72
CA ILE B 27 25.57 -12.26 -4.88
C ILE B 27 26.26 -13.31 -5.75
N PHE B 28 25.54 -13.85 -6.73
CA PHE B 28 26.11 -14.90 -7.56
C PHE B 28 27.27 -14.40 -8.42
N SER B 29 27.40 -13.09 -8.61
CA SER B 29 28.55 -12.57 -9.34
C SER B 29 29.77 -12.40 -8.43
N ILE B 30 29.55 -11.97 -7.19
CA ILE B 30 30.68 -11.75 -6.29
C ILE B 30 31.23 -13.07 -5.75
N PHE B 31 30.40 -14.12 -5.75
CA PHE B 31 30.79 -15.43 -5.24
C PHE B 31 30.66 -16.46 -6.36
N THR B 32 31.74 -17.22 -6.59
CA THR B 32 31.77 -18.21 -7.65
C THR B 32 31.39 -19.60 -7.15
N ASP B 33 31.96 -20.02 -6.02
CA ASP B 33 31.73 -21.37 -5.51
C ASP B 33 30.28 -21.56 -5.04
N LEU B 34 29.56 -20.47 -4.81
CA LEU B 34 28.21 -20.56 -4.29
C LEU B 34 27.29 -21.28 -5.27
N SER B 35 26.35 -22.06 -4.72
CA SER B 35 25.42 -22.83 -5.53
C SER B 35 23.98 -22.46 -5.20
N PRO B 36 23.08 -22.49 -6.18
CA PRO B 36 21.70 -22.02 -5.93
C PRO B 36 20.96 -22.79 -4.85
N PHE B 37 21.32 -24.06 -4.60
CA PHE B 37 20.60 -24.84 -3.60
C PHE B 37 20.93 -24.37 -2.19
N VAL B 38 22.19 -24.01 -1.95
CA VAL B 38 22.54 -23.44 -0.65
C VAL B 38 21.90 -22.06 -0.50
N VAL B 39 21.91 -21.26 -1.56
CA VAL B 39 21.36 -19.91 -1.49
C VAL B 39 19.87 -19.94 -1.22
N ALA B 40 19.12 -20.79 -1.94
CA ALA B 40 17.68 -20.86 -1.72
C ALA B 40 17.37 -21.36 -0.33
N ALA B 41 18.10 -22.37 0.15
CA ALA B 41 17.86 -22.92 1.47
C ALA B 41 18.12 -21.88 2.55
N THR B 42 19.26 -21.19 2.48
CA THR B 42 19.56 -20.20 3.51
C THR B 42 18.61 -19.00 3.41
N HIS B 43 18.23 -18.61 2.18
CA HIS B 43 17.21 -17.58 2.01
C HIS B 43 15.92 -17.95 2.72
N ASP B 44 15.42 -19.16 2.51
CA ASP B 44 14.16 -19.54 3.12
C ASP B 44 14.28 -19.66 4.63
N PHE B 45 15.38 -20.24 5.10
CA PHE B 45 15.59 -20.36 6.55
C PHE B 45 15.69 -18.99 7.20
N LEU B 46 16.30 -18.02 6.52
CA LEU B 46 16.40 -16.68 7.07
C LEU B 46 15.06 -15.96 7.01
N SER B 47 14.29 -16.18 5.95
CA SER B 47 13.02 -15.48 5.79
C SER B 47 11.91 -16.06 6.67
N ILE B 48 12.08 -17.28 7.15
CA ILE B 48 11.06 -17.82 8.05
C ILE B 48 11.00 -16.98 9.33
N PHE B 49 12.15 -16.46 9.78
CA PHE B 49 12.15 -15.59 10.95
C PHE B 49 11.43 -14.28 10.65
N ILE B 50 11.66 -13.72 9.46
CA ILE B 50 10.98 -12.49 9.06
C ILE B 50 9.48 -12.69 9.04
N LEU B 51 9.04 -13.85 8.54
CA LEU B 51 7.61 -14.13 8.50
C LEU B 51 7.02 -14.29 9.90
N LEU B 52 7.74 -14.98 10.80
CA LEU B 52 7.28 -15.06 12.18
C LEU B 52 7.17 -13.67 12.80
N ALA B 53 8.13 -12.79 12.50
CA ALA B 53 8.08 -11.42 13.01
C ALA B 53 6.85 -10.68 12.48
N PHE B 54 6.62 -10.76 11.17
CA PHE B 54 5.44 -10.13 10.57
C PHE B 54 4.16 -10.63 11.24
N LEU B 55 4.06 -11.94 11.44
CA LEU B 55 2.84 -12.51 12.00
C LEU B 55 2.65 -12.07 13.46
N LEU B 56 3.73 -12.10 14.25
CA LEU B 56 3.63 -11.71 15.65
C LEU B 56 3.31 -10.22 15.80
N VAL B 57 3.78 -9.39 14.88
CA VAL B 57 3.52 -7.95 14.98
C VAL B 57 2.11 -7.62 14.48
N LYS B 58 1.65 -8.31 13.43
CA LYS B 58 0.37 -7.97 12.82
C LYS B 58 -0.79 -8.32 13.74
N GLU B 59 -0.85 -9.56 14.21
CA GLU B 59 -1.97 -10.03 15.02
C GLU B 59 -1.40 -10.93 16.12
N GLY B 60 -2.27 -11.72 16.73
CA GLY B 60 -1.90 -12.62 17.82
C GLY B 60 -0.73 -13.53 17.51
N LYS B 61 -0.16 -14.13 18.56
CA LYS B 61 1.08 -14.91 18.46
C LYS B 61 1.06 -15.90 17.30
N VAL B 62 0.19 -16.92 17.40
CA VAL B 62 0.10 -17.95 16.37
C VAL B 62 -1.34 -18.42 16.29
N ARG B 63 -1.75 -18.82 15.09
CA ARG B 63 -3.06 -19.45 14.86
C ARG B 63 -2.81 -20.67 13.99
N LEU B 64 -2.60 -21.82 14.62
CA LEU B 64 -2.32 -23.05 13.90
C LEU B 64 -3.58 -23.85 13.59
N SER B 65 -4.71 -23.52 14.20
CA SER B 65 -5.96 -24.16 13.85
C SER B 65 -6.44 -23.79 12.46
N ILE B 66 -5.93 -22.69 11.90
CA ILE B 66 -6.29 -22.28 10.55
C ILE B 66 -5.51 -23.04 9.49
N PHE B 67 -4.41 -23.70 9.88
CA PHE B 67 -3.60 -24.50 8.95
C PHE B 67 -4.21 -25.89 8.78
N LEU B 68 -5.44 -25.92 8.27
CA LEU B 68 -6.13 -27.19 8.07
C LEU B 68 -5.43 -28.00 6.99
N ASN B 69 -5.48 -29.33 7.16
CA ASN B 69 -4.75 -30.21 6.26
C ASN B 69 -5.45 -30.33 4.90
N ILE B 70 -6.77 -30.21 4.87
CA ILE B 70 -7.51 -30.47 3.64
C ILE B 70 -7.27 -29.37 2.61
N ARG B 71 -7.47 -28.11 3.01
CA ARG B 71 -7.47 -27.01 2.04
C ARG B 71 -6.05 -26.61 1.63
N ASN B 72 -5.13 -26.53 2.58
CA ASN B 72 -3.80 -26.00 2.31
C ASN B 72 -2.89 -26.97 1.58
N VAL B 73 -3.41 -28.11 1.10
CA VAL B 73 -2.62 -28.94 0.19
C VAL B 73 -2.27 -28.13 -1.06
N SER B 74 -3.15 -27.20 -1.45
CA SER B 74 -2.88 -26.36 -2.62
C SER B 74 -1.60 -25.55 -2.41
N VAL B 75 -1.46 -24.93 -1.24
CA VAL B 75 -0.30 -24.06 -1.04
C VAL B 75 0.98 -24.87 -0.94
N ILE B 76 0.96 -26.03 -0.28
CA ILE B 76 2.17 -26.82 -0.18
C ILE B 76 2.56 -27.39 -1.54
N ILE B 77 1.58 -27.81 -2.34
CA ILE B 77 1.91 -28.34 -3.66
C ILE B 77 2.44 -27.22 -4.55
N GLY B 78 1.88 -26.01 -4.42
CA GLY B 78 2.40 -24.89 -5.19
C GLY B 78 3.80 -24.49 -4.77
N ALA B 79 4.08 -24.55 -3.47
CA ALA B 79 5.41 -24.21 -2.99
C ALA B 79 6.45 -25.20 -3.47
N LEU B 80 6.17 -26.50 -3.31
CA LEU B 80 7.14 -27.49 -3.77
C LEU B 80 7.15 -27.63 -5.29
N LEU B 81 6.16 -27.08 -5.98
CA LEU B 81 6.13 -27.08 -7.44
C LEU B 81 6.77 -25.86 -8.06
N ALA B 82 6.87 -24.76 -7.32
CA ALA B 82 7.50 -23.54 -7.81
C ALA B 82 8.88 -23.30 -7.21
N GLY B 83 9.07 -23.59 -5.93
CA GLY B 83 10.33 -23.32 -5.28
C GLY B 83 11.47 -24.23 -5.69
N PRO B 84 11.40 -25.51 -5.31
CA PRO B 84 12.52 -26.42 -5.60
C PRO B 84 12.72 -26.70 -7.08
N ILE B 85 11.69 -27.24 -7.72
CA ILE B 85 11.85 -27.65 -9.12
C ILE B 85 11.85 -26.45 -10.04
N GLY B 86 11.14 -25.39 -9.67
CA GLY B 86 11.22 -24.15 -10.43
C GLY B 86 12.64 -23.65 -10.55
N MET B 87 13.31 -23.48 -9.40
CA MET B 87 14.70 -23.01 -9.42
C MET B 87 15.63 -24.02 -10.07
N GLN B 88 15.39 -25.31 -9.85
CA GLN B 88 16.24 -26.33 -10.47
C GLN B 88 16.17 -26.26 -11.99
N ALA B 89 14.96 -26.24 -12.54
CA ALA B 89 14.81 -26.18 -13.99
C ALA B 89 15.25 -24.82 -14.55
N ASN B 90 15.10 -23.75 -13.77
CA ASN B 90 15.57 -22.45 -14.24
C ASN B 90 17.10 -22.42 -14.31
N LEU B 91 17.79 -23.00 -13.32
CA LEU B 91 19.24 -23.11 -13.41
C LEU B 91 19.66 -24.04 -14.53
N TYR B 92 18.88 -25.09 -14.78
CA TYR B 92 19.12 -25.92 -15.95
C TYR B 92 19.04 -25.11 -17.23
N ALA B 93 18.04 -24.22 -17.33
CA ALA B 93 17.92 -23.35 -18.50
C ALA B 93 19.08 -22.38 -18.59
N VAL B 94 19.56 -21.87 -17.45
CA VAL B 94 20.73 -21.01 -17.45
C VAL B 94 21.92 -21.74 -18.03
N LYS B 95 22.16 -22.98 -17.58
CA LYS B 95 23.28 -23.74 -18.10
C LYS B 95 23.07 -24.15 -19.55
N TYR B 96 21.81 -24.24 -20.00
CA TYR B 96 21.52 -24.71 -21.34
C TYR B 96 21.60 -23.60 -22.39
N ILE B 97 20.74 -22.60 -22.28
CA ILE B 97 20.52 -21.66 -23.38
C ILE B 97 20.81 -20.22 -22.99
N GLY B 98 21.42 -19.99 -21.83
CA GLY B 98 21.79 -18.63 -21.47
C GLY B 98 21.30 -18.17 -20.11
N SER B 99 21.96 -17.16 -19.56
CA SER B 99 21.66 -16.70 -18.21
C SER B 99 20.49 -15.74 -18.17
N SER B 100 20.13 -15.13 -19.30
CA SER B 100 19.12 -14.08 -19.32
C SER B 100 17.86 -14.44 -20.09
N LEU B 101 17.84 -15.58 -20.79
CA LEU B 101 16.62 -16.00 -21.47
C LEU B 101 15.68 -16.73 -20.51
N ALA B 102 16.23 -17.49 -19.57
CA ALA B 102 15.41 -18.13 -18.56
C ALA B 102 14.64 -17.09 -17.74
N SER B 103 15.29 -15.98 -17.42
CA SER B 103 14.59 -14.91 -16.71
C SER B 103 13.51 -14.27 -17.58
N SER B 104 13.76 -14.17 -18.89
CA SER B 104 12.75 -13.61 -19.79
C SER B 104 11.52 -14.51 -19.85
N VAL B 105 11.72 -15.82 -19.83
CA VAL B 105 10.56 -16.72 -19.83
C VAL B 105 9.89 -16.70 -18.46
N SER B 106 10.68 -16.63 -17.38
CA SER B 106 10.11 -16.48 -16.06
C SER B 106 9.31 -15.20 -15.93
N ALA B 107 9.58 -14.21 -16.79
CA ALA B 107 8.76 -13.00 -16.85
C ALA B 107 7.56 -13.16 -17.78
N ILE B 108 7.68 -13.97 -18.83
CA ILE B 108 6.54 -14.26 -19.70
C ILE B 108 5.60 -15.27 -19.07
N TYR B 109 5.92 -15.73 -17.86
CA TYR B 109 5.09 -16.68 -17.13
C TYR B 109 3.58 -16.41 -17.08
N PRO B 110 3.08 -15.16 -16.98
CA PRO B 110 1.64 -14.99 -16.72
C PRO B 110 0.71 -15.60 -17.75
N ALA B 111 1.21 -16.16 -18.85
CA ALA B 111 0.31 -16.77 -19.83
C ALA B 111 -0.42 -17.96 -19.23
N ILE B 112 0.31 -18.88 -18.60
CA ILE B 112 -0.33 -20.05 -18.02
C ILE B 112 -1.27 -19.64 -16.90
N SER B 113 -0.93 -18.60 -16.15
CA SER B 113 -1.80 -18.13 -15.08
C SER B 113 -3.08 -17.52 -15.64
N VAL B 114 -2.98 -16.74 -16.71
CA VAL B 114 -4.15 -16.11 -17.29
C VAL B 114 -5.04 -17.16 -17.97
N LEU B 115 -4.46 -18.30 -18.35
CA LEU B 115 -5.27 -19.39 -18.86
C LEU B 115 -5.97 -20.14 -17.72
N LEU B 116 -5.23 -20.51 -16.68
CA LEU B 116 -5.77 -21.32 -15.60
C LEU B 116 -6.84 -20.56 -14.83
N ALA B 117 -6.55 -19.32 -14.43
CA ALA B 117 -7.52 -18.54 -13.66
C ALA B 117 -8.86 -18.47 -14.36
N PHE B 118 -8.85 -18.41 -15.68
CA PHE B 118 -10.11 -18.42 -16.43
C PHE B 118 -10.72 -19.81 -16.43
N PHE B 119 -9.97 -20.82 -16.87
CA PHE B 119 -10.55 -22.15 -17.08
C PHE B 119 -10.81 -22.86 -15.76
N PHE B 120 -9.82 -22.92 -14.88
CA PHE B 120 -9.93 -23.76 -13.69
C PHE B 120 -10.68 -23.08 -12.56
N LEU B 121 -10.36 -21.82 -12.26
CA LEU B 121 -11.00 -21.11 -11.16
C LEU B 121 -12.29 -20.39 -11.58
N LYS B 122 -12.64 -20.41 -12.87
CA LYS B 122 -13.85 -19.76 -13.37
C LYS B 122 -13.83 -18.27 -13.05
N HIS B 123 -12.74 -17.61 -13.42
CA HIS B 123 -12.62 -16.17 -13.28
C HIS B 123 -13.01 -15.48 -14.57
N LYS B 124 -13.38 -14.21 -14.47
CA LYS B 124 -14.02 -13.47 -15.56
C LYS B 124 -13.07 -12.37 -16.02
N ILE B 125 -12.16 -12.72 -16.91
CA ILE B 125 -11.14 -11.83 -17.44
C ILE B 125 -11.16 -11.89 -18.96
N SER B 126 -12.34 -12.14 -19.53
CA SER B 126 -12.45 -12.62 -20.91
C SER B 126 -11.74 -11.71 -21.91
N LYS B 127 -11.87 -10.39 -21.76
CA LYS B 127 -11.32 -9.49 -22.77
C LYS B 127 -10.56 -8.28 -22.22
N ASN B 128 -10.66 -7.97 -20.92
CA ASN B 128 -10.04 -6.75 -20.41
C ASN B 128 -8.51 -6.89 -20.32
N THR B 129 -8.04 -7.89 -19.59
CA THR B 129 -6.62 -8.08 -19.30
C THR B 129 -5.88 -8.84 -20.40
N VAL B 130 -6.60 -9.63 -21.19
CA VAL B 130 -5.97 -10.48 -22.19
C VAL B 130 -5.11 -9.66 -23.15
N PHE B 131 -5.54 -8.44 -23.46
CA PHE B 131 -4.79 -7.66 -24.45
C PHE B 131 -3.47 -7.15 -23.87
N GLY B 132 -3.50 -6.60 -22.65
CA GLY B 132 -2.26 -6.19 -22.02
C GLY B 132 -1.29 -7.34 -21.83
N ILE B 133 -1.80 -8.50 -21.42
CA ILE B 133 -0.90 -9.63 -21.20
C ILE B 133 -0.36 -10.16 -22.53
N VAL B 134 -1.18 -10.17 -23.59
CA VAL B 134 -0.70 -10.59 -24.89
C VAL B 134 0.36 -9.62 -25.42
N LEU B 135 0.19 -8.33 -25.13
CA LEU B 135 1.18 -7.36 -25.58
C LEU B 135 2.49 -7.53 -24.83
N ILE B 136 2.42 -7.79 -23.52
CA ILE B 136 3.64 -8.07 -22.76
C ILE B 136 4.33 -9.32 -23.29
N ILE B 137 3.55 -10.35 -23.59
CA ILE B 137 4.10 -11.59 -24.15
C ILE B 137 4.77 -11.33 -25.49
N GLY B 138 4.13 -10.54 -26.34
CA GLY B 138 4.72 -10.20 -27.62
C GLY B 138 6.02 -9.42 -27.47
N GLY B 139 6.07 -8.51 -26.51
CA GLY B 139 7.31 -7.81 -26.25
C GLY B 139 8.42 -8.73 -25.79
N ILE B 140 8.10 -9.66 -24.89
CA ILE B 140 9.12 -10.56 -24.39
C ILE B 140 9.61 -11.52 -25.47
N ILE B 141 8.72 -11.93 -26.37
CA ILE B 141 9.18 -12.81 -27.46
C ILE B 141 9.90 -12.02 -28.54
N ALA B 142 9.58 -10.74 -28.72
CA ALA B 142 10.31 -9.90 -29.66
C ALA B 142 11.68 -9.52 -29.14
N GLN B 143 11.87 -9.55 -27.81
CA GLN B 143 13.22 -9.40 -27.27
C GLN B 143 14.17 -10.45 -27.85
N THR B 144 13.66 -11.64 -28.13
CA THR B 144 14.43 -12.75 -28.70
C THR B 144 13.77 -13.27 -29.97
N SER B 152 18.52 -27.12 -30.71
CA SER B 152 18.68 -26.98 -29.26
C SER B 152 17.67 -26.00 -28.66
N PHE B 153 17.12 -25.09 -29.47
CA PHE B 153 16.13 -24.15 -28.97
C PHE B 153 14.84 -24.86 -28.59
N TYR B 154 14.54 -26.00 -29.24
CA TYR B 154 13.29 -26.70 -28.96
C TYR B 154 13.28 -27.31 -27.57
N ILE B 155 14.44 -27.66 -27.03
CA ILE B 155 14.53 -28.17 -25.67
C ILE B 155 14.68 -27.04 -24.66
N GLY B 156 15.37 -25.97 -25.04
CA GLY B 156 15.46 -24.81 -24.17
C GLY B 156 14.12 -24.17 -23.91
N ILE B 157 13.31 -24.00 -24.97
CA ILE B 157 11.98 -23.45 -24.79
C ILE B 157 11.10 -24.44 -24.03
N LEU B 158 11.38 -25.74 -24.15
CA LEU B 158 10.59 -26.73 -23.41
C LEU B 158 10.85 -26.62 -21.91
N CYS B 159 12.12 -26.57 -21.51
CA CYS B 159 12.43 -26.40 -20.10
C CYS B 159 11.96 -25.04 -19.60
N ALA B 160 12.03 -24.01 -20.45
CA ALA B 160 11.58 -22.68 -20.06
C ALA B 160 10.07 -22.66 -19.83
N LEU B 161 9.30 -23.34 -20.68
CA LEU B 161 7.86 -23.41 -20.45
C LEU B 161 7.54 -24.29 -19.25
N VAL B 162 8.39 -25.28 -18.97
CA VAL B 162 8.22 -26.07 -17.75
C VAL B 162 8.41 -25.20 -16.51
N CYS B 163 9.36 -24.28 -16.53
CA CYS B 163 9.49 -23.33 -15.42
C CYS B 163 8.31 -22.37 -15.36
N ALA B 164 7.88 -21.87 -16.52
CA ALA B 164 6.81 -20.87 -16.56
C ALA B 164 5.48 -21.44 -16.11
N ILE B 165 5.17 -22.69 -16.47
CA ILE B 165 3.93 -23.31 -16.04
C ILE B 165 3.87 -23.38 -14.51
N ALA B 166 4.96 -23.80 -13.89
CA ALA B 166 5.00 -23.89 -12.44
C ALA B 166 4.89 -22.52 -11.79
N TRP B 167 5.66 -21.55 -12.28
CA TRP B 167 5.66 -20.24 -11.64
C TRP B 167 4.38 -19.46 -11.91
N GLY B 168 3.60 -19.86 -12.91
CA GLY B 168 2.32 -19.23 -13.16
C GLY B 168 1.19 -19.97 -12.46
N SER B 169 1.41 -21.24 -12.17
CA SER B 169 0.41 -22.03 -11.46
C SER B 169 0.49 -21.86 -9.95
N GLU B 170 1.65 -21.47 -9.40
CA GLU B 170 1.67 -21.17 -7.98
C GLU B 170 0.70 -20.04 -7.65
N SER B 171 0.49 -19.11 -8.59
CA SER B 171 -0.42 -18.00 -8.35
C SER B 171 -1.86 -18.47 -8.32
N VAL B 172 -2.25 -19.28 -9.31
CA VAL B 172 -3.61 -19.81 -9.34
C VAL B 172 -3.87 -20.66 -8.10
N LEU B 173 -2.88 -21.43 -7.65
CA LEU B 173 -3.05 -22.20 -6.44
C LEU B 173 -3.19 -21.30 -5.22
N SER B 174 -2.31 -20.31 -5.10
CA SER B 174 -2.32 -19.40 -3.95
C SER B 174 -3.57 -18.54 -3.89
N SER B 175 -4.27 -18.34 -5.01
CA SER B 175 -5.57 -17.67 -4.97
C SER B 175 -6.72 -18.63 -4.74
N PHE B 176 -6.43 -19.95 -4.69
CA PHE B 176 -7.45 -20.92 -4.38
C PHE B 176 -7.63 -21.08 -2.87
N ALA B 177 -6.53 -21.07 -2.12
CA ALA B 177 -6.61 -21.26 -0.67
C ALA B 177 -7.16 -20.02 0.01
N MET B 178 -6.68 -18.84 -0.39
CA MET B 178 -7.04 -17.59 0.27
C MET B 178 -8.45 -17.12 -0.02
N GLU B 179 -9.28 -17.95 -0.67
CA GLU B 179 -10.67 -17.57 -0.90
C GLU B 179 -11.44 -17.47 0.40
N SER B 180 -11.14 -18.34 1.37
CA SER B 180 -11.91 -18.39 2.61
C SER B 180 -10.97 -18.75 3.76
N GLU B 181 -10.81 -17.82 4.70
CA GLU B 181 -10.15 -18.07 5.99
C GLU B 181 -8.68 -18.46 5.83
N LEU B 182 -7.93 -17.62 5.11
CA LEU B 182 -6.47 -17.73 5.07
C LEU B 182 -5.92 -16.38 4.65
N SER B 183 -5.33 -15.65 5.59
CA SER B 183 -4.84 -14.31 5.31
C SER B 183 -3.58 -14.36 4.45
N GLU B 184 -3.08 -13.19 4.10
CA GLU B 184 -1.92 -13.10 3.23
C GLU B 184 -0.66 -13.59 3.92
N ILE B 185 -0.54 -13.39 5.23
CA ILE B 185 0.70 -13.69 5.92
C ILE B 185 0.80 -15.17 6.27
N GLU B 186 -0.32 -15.85 6.46
CA GLU B 186 -0.25 -17.28 6.78
C GLU B 186 -0.13 -18.14 5.53
N ALA B 187 -0.88 -17.82 4.47
CA ALA B 187 -0.77 -18.56 3.22
C ALA B 187 0.63 -18.49 2.63
N LEU B 188 1.41 -17.49 3.01
CA LEU B 188 2.81 -17.40 2.62
C LEU B 188 3.74 -18.05 3.64
N LEU B 189 3.34 -18.04 4.91
CA LEU B 189 4.15 -18.68 5.95
C LEU B 189 4.28 -20.17 5.69
N ILE B 190 3.15 -20.84 5.42
CA ILE B 190 3.18 -22.26 5.10
C ILE B 190 3.97 -22.50 3.81
N ARG B 191 3.84 -21.60 2.85
CA ARG B 191 4.60 -21.71 1.61
C ARG B 191 6.09 -21.76 1.89
N GLN B 192 6.58 -20.81 2.70
CA GLN B 192 8.02 -20.77 2.97
C GLN B 192 8.46 -21.93 3.85
N VAL B 193 7.62 -22.34 4.81
CA VAL B 193 7.94 -23.50 5.63
C VAL B 193 8.15 -24.73 4.75
N THR B 194 7.22 -24.96 3.83
CA THR B 194 7.29 -26.16 3.00
C THR B 194 8.43 -26.08 1.99
N SER B 195 8.70 -24.90 1.43
CA SER B 195 9.84 -24.77 0.54
C SER B 195 11.15 -25.00 1.28
N PHE B 196 11.23 -24.56 2.54
CA PHE B 196 12.42 -24.79 3.34
C PHE B 196 12.60 -26.27 3.63
N LEU B 197 11.50 -26.96 4.00
CA LEU B 197 11.57 -28.40 4.21
C LEU B 197 12.03 -29.12 2.95
N SER B 198 11.49 -28.72 1.80
CA SER B 198 11.85 -29.38 0.54
C SER B 198 13.32 -29.17 0.21
N TYR B 199 13.81 -27.94 0.34
CA TYR B 199 15.22 -27.69 0.06
C TYR B 199 16.12 -28.40 1.07
N LEU B 200 15.67 -28.53 2.32
CA LEU B 200 16.43 -29.29 3.32
C LEU B 200 16.55 -30.75 2.90
N VAL B 201 15.42 -31.36 2.50
CA VAL B 201 15.45 -32.75 2.05
C VAL B 201 16.36 -32.90 0.85
N ILE B 202 16.32 -31.93 -0.07
CA ILE B 202 17.16 -32.01 -1.28
C ILE B 202 18.63 -31.91 -0.92
N VAL B 203 18.98 -31.02 0.02
CA VAL B 203 20.38 -30.83 0.37
C VAL B 203 20.92 -32.04 1.14
N LEU B 204 20.10 -32.59 2.05
CA LEU B 204 20.57 -33.71 2.87
C LEU B 204 20.98 -34.90 2.01
N PHE B 205 20.20 -35.20 0.97
CA PHE B 205 20.52 -36.35 0.14
C PHE B 205 21.77 -36.13 -0.70
N SER B 206 22.08 -34.87 -1.02
CA SER B 206 23.27 -34.55 -1.79
C SER B 206 24.44 -34.11 -0.92
N HIS B 207 24.22 -33.91 0.38
CA HIS B 207 25.26 -33.51 1.32
C HIS B 207 25.97 -32.23 0.86
N GLN B 208 25.17 -31.22 0.51
CA GLN B 208 25.74 -29.95 0.08
C GLN B 208 26.31 -29.20 1.27
N SER B 209 27.51 -28.65 1.11
CA SER B 209 28.20 -28.01 2.22
C SER B 209 27.55 -26.69 2.60
N PHE B 210 27.55 -26.39 3.90
CA PHE B 210 27.00 -25.15 4.44
C PHE B 210 28.09 -24.20 4.95
N THR B 211 29.34 -24.40 4.51
CA THR B 211 30.43 -23.58 5.04
C THR B 211 30.36 -22.15 4.51
N ALA B 212 29.78 -21.94 3.33
CA ALA B 212 29.79 -20.61 2.73
C ALA B 212 28.86 -19.65 3.46
N VAL B 213 27.80 -20.16 4.11
CA VAL B 213 26.82 -19.28 4.72
C VAL B 213 27.39 -18.57 5.95
N ALA B 214 28.42 -19.15 6.58
CA ALA B 214 28.96 -18.59 7.81
C ALA B 214 29.59 -17.22 7.59
N ASN B 215 29.87 -16.83 6.34
CA ASN B 215 30.49 -15.54 6.08
C ASN B 215 29.55 -14.41 6.46
N GLY B 216 30.09 -13.39 7.13
CA GLY B 216 29.27 -12.28 7.58
C GLY B 216 28.75 -11.44 6.43
N GLN B 217 29.60 -11.18 5.43
CA GLN B 217 29.16 -10.43 4.26
C GLN B 217 28.05 -11.18 3.52
N LEU B 218 28.21 -12.48 3.35
CA LEU B 218 27.18 -13.26 2.67
C LEU B 218 25.90 -13.30 3.50
N LEU B 219 26.02 -13.34 4.82
CA LEU B 219 24.83 -13.31 5.66
C LEU B 219 24.10 -11.98 5.55
N GLY B 220 24.84 -10.88 5.51
CA GLY B 220 24.20 -9.58 5.30
C GLY B 220 23.49 -9.49 3.97
N LEU B 221 24.17 -9.93 2.90
CA LEU B 221 23.53 -9.93 1.59
C LEU B 221 22.30 -10.82 1.59
N MET B 222 22.36 -11.96 2.27
CA MET B 222 21.21 -12.85 2.29
C MET B 222 20.06 -12.27 3.09
N ILE B 223 20.33 -11.54 4.17
CA ILE B 223 19.22 -10.98 4.93
C ILE B 223 18.58 -9.81 4.18
N VAL B 224 19.38 -8.99 3.48
CA VAL B 224 18.73 -7.94 2.70
C VAL B 224 17.97 -8.52 1.52
N PHE B 225 18.51 -9.58 0.90
CA PHE B 225 17.81 -10.24 -0.20
C PHE B 225 16.52 -10.88 0.29
N ALA B 226 16.56 -11.51 1.46
CA ALA B 226 15.36 -12.12 2.02
C ALA B 226 14.33 -11.07 2.39
N ALA B 227 14.76 -9.92 2.93
CA ALA B 227 13.82 -8.86 3.25
C ALA B 227 13.15 -8.33 2.00
N PHE B 228 13.93 -8.04 0.96
CA PHE B 228 13.37 -7.58 -0.31
C PHE B 228 12.39 -8.60 -0.86
N ASP B 229 12.84 -9.84 -1.01
CA ASP B 229 12.00 -10.90 -1.57
C ASP B 229 10.73 -11.10 -0.77
N MET B 230 10.80 -10.96 0.55
CA MET B 230 9.64 -11.25 1.38
C MET B 230 8.64 -10.10 1.35
N ILE B 231 9.13 -8.85 1.33
CA ILE B 231 8.20 -7.75 1.11
C ILE B 231 7.54 -7.88 -0.25
N SER B 232 8.30 -8.34 -1.25
CA SER B 232 7.73 -8.56 -2.58
C SER B 232 6.62 -9.59 -2.53
N TYR B 233 6.90 -10.76 -1.94
CA TYR B 233 5.89 -11.82 -1.88
C TYR B 233 4.68 -11.39 -1.07
N LEU B 234 4.89 -10.63 0.01
CA LEU B 234 3.76 -10.20 0.83
C LEU B 234 2.87 -9.22 0.07
N ALA B 235 3.47 -8.22 -0.57
CA ALA B 235 2.67 -7.29 -1.38
C ALA B 235 1.97 -8.03 -2.51
N TYR B 236 2.64 -9.00 -3.12
CA TYR B 236 2.06 -9.75 -4.22
C TYR B 236 0.87 -10.58 -3.76
N TYR B 237 0.94 -11.18 -2.58
CA TYR B 237 -0.19 -11.96 -2.08
C TYR B 237 -1.32 -11.08 -1.58
N ILE B 238 -1.00 -9.90 -1.03
CA ILE B 238 -2.06 -8.96 -0.69
C ILE B 238 -2.79 -8.51 -1.95
N ALA B 239 -2.04 -8.33 -3.05
CA ALA B 239 -2.68 -8.05 -4.33
C ALA B 239 -3.59 -9.19 -4.76
N ILE B 240 -3.01 -10.39 -4.90
CA ILE B 240 -3.78 -11.56 -5.31
C ILE B 240 -5.05 -11.72 -4.50
N ASN B 241 -4.97 -11.45 -3.19
CA ASN B 241 -6.12 -11.63 -2.32
C ASN B 241 -7.29 -10.77 -2.77
N ARG B 242 -7.02 -9.55 -3.21
CA ARG B 242 -8.08 -8.58 -3.51
C ARG B 242 -8.03 -8.07 -4.94
N LEU B 243 -7.20 -8.66 -5.78
CA LEU B 243 -7.12 -8.25 -7.17
C LEU B 243 -7.12 -9.47 -8.10
N GLN B 244 -7.31 -10.65 -7.49
CA GLN B 244 -7.34 -11.97 -8.16
C GLN B 244 -6.04 -12.43 -8.82
N PRO B 245 -6.08 -13.61 -9.45
CA PRO B 245 -4.83 -14.02 -10.08
C PRO B 245 -4.59 -13.52 -11.47
N ALA B 246 -5.64 -13.20 -12.22
CA ALA B 246 -5.62 -12.75 -13.62
C ALA B 246 -4.85 -11.48 -13.93
N LYS B 247 -4.97 -10.46 -13.09
CA LYS B 247 -4.22 -9.23 -13.29
C LYS B 247 -3.15 -9.08 -12.24
N ALA B 248 -3.31 -9.67 -11.07
CA ALA B 248 -2.28 -9.49 -10.05
C ALA B 248 -0.93 -10.04 -10.48
N THR B 249 -0.89 -10.95 -11.44
CA THR B 249 0.39 -11.36 -12.03
C THR B 249 0.81 -10.44 -13.16
N GLY B 250 -0.14 -10.00 -13.98
CA GLY B 250 0.19 -9.07 -15.05
C GLY B 250 0.78 -7.78 -14.54
N LEU B 251 0.19 -7.22 -13.47
CA LEU B 251 0.75 -6.01 -12.86
C LEU B 251 2.16 -6.26 -12.34
N ASN B 252 2.40 -7.44 -11.77
CA ASN B 252 3.72 -7.74 -11.23
C ASN B 252 4.75 -7.97 -12.32
N VAL B 253 4.33 -8.34 -13.53
CA VAL B 253 5.28 -8.56 -14.63
C VAL B 253 6.19 -7.35 -14.84
N SER B 254 5.77 -6.17 -14.36
CA SER B 254 6.57 -4.96 -14.52
C SER B 254 7.98 -5.11 -13.94
N TYR B 255 8.24 -6.14 -13.14
CA TYR B 255 9.54 -6.27 -12.51
C TYR B 255 10.68 -6.44 -13.51
N VAL B 256 10.38 -6.77 -14.76
CA VAL B 256 11.45 -6.89 -15.75
C VAL B 256 12.00 -5.52 -16.10
N VAL B 257 11.13 -4.50 -16.20
CA VAL B 257 11.59 -3.13 -16.42
C VAL B 257 12.58 -2.72 -15.34
N TRP B 258 12.17 -2.91 -14.07
CA TRP B 258 13.04 -2.59 -12.96
C TRP B 258 14.35 -3.37 -13.06
N THR B 259 14.29 -4.71 -13.05
CA THR B 259 15.48 -5.55 -13.15
C THR B 259 16.46 -5.04 -14.20
N VAL B 260 15.97 -4.71 -15.39
CA VAL B 260 16.86 -4.20 -16.44
C VAL B 260 17.44 -2.85 -16.04
N LEU B 261 16.61 -1.98 -15.45
CA LEU B 261 17.07 -0.64 -15.06
C LEU B 261 18.19 -0.74 -14.02
N PHE B 262 17.96 -1.55 -12.98
CA PHE B 262 18.94 -1.70 -11.91
C PHE B 262 20.16 -2.47 -12.37
N ALA B 263 20.03 -3.32 -13.39
CA ALA B 263 21.20 -4.00 -13.93
C ALA B 263 22.07 -3.04 -14.74
N VAL B 264 21.44 -2.17 -15.53
CA VAL B 264 22.23 -1.23 -16.34
C VAL B 264 22.71 -0.04 -15.52
N VAL B 265 22.15 0.20 -14.33
CA VAL B 265 22.56 1.32 -13.50
C VAL B 265 23.63 0.89 -12.51
N PHE B 266 23.32 -0.09 -11.67
CA PHE B 266 24.19 -0.45 -10.54
C PHE B 266 25.25 -1.48 -10.92
N LEU B 267 24.82 -2.63 -11.44
CA LEU B 267 25.75 -3.71 -11.76
C LEU B 267 26.57 -3.42 -13.02
N GLY B 268 26.28 -2.34 -13.74
CA GLY B 268 27.03 -2.03 -14.95
C GLY B 268 26.79 -3.02 -16.06
N ALA B 269 25.52 -3.34 -16.32
CA ALA B 269 25.20 -4.22 -17.44
C ALA B 269 25.13 -3.40 -18.72
N PRO B 270 25.66 -3.91 -19.84
CA PRO B 270 25.64 -3.13 -21.08
C PRO B 270 24.23 -2.90 -21.57
N LEU B 271 24.00 -1.73 -22.15
CA LEU B 271 22.69 -1.34 -22.66
C LEU B 271 22.67 -1.46 -24.18
N ASP B 272 21.63 -2.11 -24.70
CA ASP B 272 21.44 -2.25 -26.13
C ASP B 272 20.10 -1.65 -26.52
N MET B 273 19.95 -1.37 -27.82
CA MET B 273 18.75 -0.69 -28.29
C MET B 273 17.53 -1.61 -28.26
N LEU B 274 17.73 -2.92 -28.43
CA LEU B 274 16.60 -3.84 -28.42
C LEU B 274 15.97 -3.95 -27.04
N THR B 275 16.80 -3.91 -25.98
CA THR B 275 16.25 -3.99 -24.64
C THR B 275 15.43 -2.76 -24.30
N ILE B 276 15.79 -1.60 -24.84
CA ILE B 276 14.98 -0.40 -24.63
C ILE B 276 13.62 -0.58 -25.28
N MET B 277 13.58 -1.16 -26.48
CA MET B 277 12.30 -1.41 -27.15
C MET B 277 11.45 -2.40 -26.37
N THR B 278 12.06 -3.47 -25.85
CA THR B 278 11.31 -4.44 -25.07
C THR B 278 10.77 -3.82 -23.79
N SER B 279 11.59 -3.00 -23.12
CA SER B 279 11.13 -2.34 -21.91
C SER B 279 9.99 -1.36 -22.20
N LEU B 280 10.08 -0.66 -23.34
CA LEU B 280 8.99 0.24 -23.72
C LEU B 280 7.71 -0.54 -24.01
N VAL B 281 7.84 -1.69 -24.66
CA VAL B 281 6.65 -2.51 -24.94
C VAL B 281 6.00 -2.97 -23.64
N VAL B 282 6.81 -3.47 -22.71
CA VAL B 282 6.22 -4.03 -21.49
C VAL B 282 5.67 -2.92 -20.59
N ILE B 283 6.30 -1.74 -20.57
CA ILE B 283 5.74 -0.64 -19.79
C ILE B 283 4.46 -0.13 -20.45
N ALA B 284 4.39 -0.17 -21.78
CA ALA B 284 3.15 0.18 -22.46
C ALA B 284 2.05 -0.79 -22.07
N GLY B 285 2.36 -2.07 -22.02
CA GLY B 285 1.36 -3.04 -21.59
C GLY B 285 0.89 -2.80 -20.16
N VAL B 286 1.85 -2.60 -19.24
CA VAL B 286 1.50 -2.36 -17.84
C VAL B 286 0.66 -1.10 -17.69
N TYR B 287 0.92 -0.08 -18.50
CA TYR B 287 0.08 1.11 -18.46
C TYR B 287 -1.29 0.85 -19.08
N ILE B 288 -1.35 -0.03 -20.08
CA ILE B 288 -2.63 -0.36 -20.69
C ILE B 288 -3.52 -1.11 -19.72
N ILE B 289 -2.92 -1.90 -18.81
CA ILE B 289 -3.74 -2.71 -17.92
C ILE B 289 -4.54 -1.87 -16.93
N ILE B 290 -4.18 -0.60 -16.76
CA ILE B 290 -4.92 0.28 -15.86
C ILE B 290 -5.41 1.52 -16.61
N GLN C 5 -24.87 0.12 -11.29
CA GLN C 5 -24.63 1.09 -12.36
C GLN C 5 -25.79 1.10 -13.35
N VAL C 6 -26.37 -0.07 -13.59
CA VAL C 6 -27.47 -0.23 -14.53
C VAL C 6 -28.65 -0.86 -13.81
N GLN C 7 -29.83 -0.25 -13.95
CA GLN C 7 -31.05 -0.79 -13.37
C GLN C 7 -31.78 -1.65 -14.39
N LEU C 8 -32.16 -2.85 -13.99
CA LEU C 8 -32.79 -3.82 -14.88
C LEU C 8 -34.22 -4.05 -14.43
N VAL C 9 -35.16 -4.02 -15.39
CA VAL C 9 -36.57 -4.27 -15.10
C VAL C 9 -37.05 -5.38 -16.03
N GLU C 10 -37.82 -6.31 -15.48
CA GLU C 10 -38.35 -7.44 -16.23
C GLU C 10 -39.86 -7.32 -16.35
N SER C 11 -40.41 -7.89 -17.41
CA SER C 11 -41.83 -7.83 -17.67
C SER C 11 -42.27 -9.03 -18.48
N GLY C 12 -43.56 -9.37 -18.36
CA GLY C 12 -44.15 -10.46 -19.12
C GLY C 12 -44.41 -11.73 -18.33
N GLY C 13 -44.04 -11.77 -17.06
CA GLY C 13 -44.23 -12.98 -16.29
C GLY C 13 -45.70 -13.26 -16.00
N GLY C 14 -45.98 -14.54 -15.74
CA GLY C 14 -47.34 -14.95 -15.46
C GLY C 14 -47.47 -16.45 -15.54
N SER C 15 -48.72 -16.89 -15.68
CA SER C 15 -49.05 -18.31 -15.76
C SER C 15 -49.36 -18.68 -17.20
N VAL C 16 -48.77 -19.77 -17.66
CA VAL C 16 -48.94 -20.24 -19.03
C VAL C 16 -49.19 -21.75 -19.01
N GLN C 17 -50.11 -22.21 -19.86
CA GLN C 17 -50.36 -23.64 -19.97
C GLN C 17 -49.22 -24.32 -20.72
N ALA C 18 -48.85 -25.52 -20.27
CA ALA C 18 -47.78 -26.26 -20.90
C ALA C 18 -48.13 -26.61 -22.34
N GLY C 19 -47.14 -26.52 -23.22
CA GLY C 19 -47.32 -26.78 -24.63
C GLY C 19 -47.48 -25.55 -25.49
N GLY C 20 -47.49 -24.36 -24.91
CA GLY C 20 -47.63 -23.12 -25.64
C GLY C 20 -46.31 -22.39 -25.81
N SER C 21 -46.35 -21.08 -25.66
CA SER C 21 -45.16 -20.25 -25.80
C SER C 21 -45.36 -18.97 -25.01
N LEU C 22 -44.26 -18.26 -24.78
CA LEU C 22 -44.32 -17.03 -24.00
C LEU C 22 -43.14 -16.15 -24.38
N ARG C 23 -43.29 -14.85 -24.11
CA ARG C 23 -42.24 -13.87 -24.36
C ARG C 23 -41.99 -13.06 -23.09
N LEU C 24 -40.72 -12.88 -22.76
CA LEU C 24 -40.32 -12.12 -21.58
C LEU C 24 -39.41 -10.97 -22.00
N SER C 25 -39.60 -9.81 -21.39
CA SER C 25 -38.91 -8.59 -21.79
C SER C 25 -38.03 -8.09 -20.65
N CYS C 26 -36.86 -7.56 -21.02
CA CYS C 26 -35.93 -6.94 -20.08
C CYS C 26 -35.49 -5.59 -20.61
N ALA C 27 -35.65 -4.55 -19.78
CA ALA C 27 -35.23 -3.20 -20.13
C ALA C 27 -34.13 -2.76 -19.15
N ALA C 28 -33.05 -2.22 -19.71
CA ALA C 28 -31.92 -1.73 -18.93
C ALA C 28 -31.86 -0.21 -19.00
N SER C 29 -31.54 0.41 -17.87
CA SER C 29 -31.46 1.86 -17.78
C SER C 29 -30.16 2.25 -17.11
N GLY C 30 -29.55 3.34 -17.59
CA GLY C 30 -28.31 3.83 -17.03
C GLY C 30 -27.16 3.80 -18.01
N THR C 31 -25.94 3.54 -17.50
CA THR C 31 -24.75 3.52 -18.33
C THR C 31 -24.72 2.20 -19.10
N ILE C 32 -25.35 2.22 -20.27
CA ILE C 32 -25.57 1.02 -21.06
C ILE C 32 -24.65 0.96 -22.29
N HIS C 33 -23.53 1.68 -22.26
CA HIS C 33 -22.66 1.75 -23.43
C HIS C 33 -21.59 0.67 -23.44
N ALA C 34 -21.09 0.26 -22.28
CA ALA C 34 -19.94 -0.64 -22.20
C ALA C 34 -20.31 -2.02 -21.67
N ILE C 35 -21.59 -2.39 -21.72
CA ILE C 35 -22.04 -3.71 -21.30
C ILE C 35 -21.93 -4.65 -22.50
N GLY C 36 -21.06 -5.67 -22.38
CA GLY C 36 -20.81 -6.58 -23.47
C GLY C 36 -21.86 -7.67 -23.62
N TYR C 37 -22.03 -8.49 -22.60
CA TYR C 37 -22.95 -9.63 -22.64
C TYR C 37 -24.25 -9.26 -21.96
N LEU C 38 -25.37 -9.58 -22.61
CA LEU C 38 -26.67 -9.56 -21.95
C LEU C 38 -27.08 -10.99 -21.65
N GLY C 39 -27.89 -11.15 -20.60
CA GLY C 39 -28.20 -12.47 -20.10
C GLY C 39 -29.66 -12.64 -19.74
N TRP C 40 -30.00 -13.89 -19.46
CA TRP C 40 -31.35 -14.28 -19.05
C TRP C 40 -31.23 -15.57 -18.26
N PHE C 41 -31.48 -15.50 -16.95
CA PHE C 41 -31.36 -16.62 -16.04
C PHE C 41 -32.71 -16.92 -15.41
N ARG C 42 -32.79 -18.07 -14.74
CA ARG C 42 -33.99 -18.42 -13.99
C ARG C 42 -33.58 -19.14 -12.71
N ARG C 49 -29.08 -20.02 -9.71
CA ARG C 49 -29.14 -19.05 -10.80
C ARG C 49 -28.47 -19.67 -12.01
N GLU C 50 -29.24 -20.43 -12.79
CA GLU C 50 -28.71 -21.16 -13.92
C GLU C 50 -28.70 -20.30 -15.17
N GLY C 51 -27.78 -20.60 -16.08
CA GLY C 51 -27.67 -19.89 -17.33
C GLY C 51 -28.62 -20.44 -18.39
N VAL C 52 -29.52 -19.60 -18.89
CA VAL C 52 -30.50 -20.04 -19.85
C VAL C 52 -30.30 -19.34 -21.18
N ALA C 53 -29.80 -18.10 -21.13
CA ALA C 53 -29.56 -17.38 -22.37
C ALA C 53 -28.52 -16.30 -22.16
N ALA C 54 -27.68 -16.06 -23.16
CA ALA C 54 -26.72 -14.96 -23.09
C ALA C 54 -26.33 -14.55 -24.50
N LEU C 55 -26.62 -13.29 -24.84
CA LEU C 55 -26.31 -12.75 -26.15
C LEU C 55 -25.08 -11.83 -26.05
N THR C 56 -24.33 -11.77 -27.15
CA THR C 56 -23.29 -10.78 -27.32
C THR C 56 -23.83 -9.63 -28.15
N THR C 57 -23.52 -8.40 -27.72
CA THR C 57 -24.11 -7.22 -28.36
C THR C 57 -23.53 -7.00 -29.75
N TYR C 58 -22.20 -6.85 -29.83
CA TYR C 58 -21.57 -6.49 -31.10
C TYR C 58 -21.68 -7.62 -32.12
N ASP C 59 -21.13 -8.79 -31.80
CA ASP C 59 -21.10 -9.88 -32.76
C ASP C 59 -22.51 -10.37 -33.09
N GLY C 60 -23.33 -10.60 -32.07
CA GLY C 60 -24.68 -11.05 -32.27
C GLY C 60 -24.91 -12.54 -32.09
N TRP C 61 -24.00 -13.24 -31.43
CA TRP C 61 -24.19 -14.66 -31.13
C TRP C 61 -24.97 -14.82 -29.83
N THR C 62 -25.66 -15.95 -29.72
CA THR C 62 -26.47 -16.27 -28.55
C THR C 62 -26.14 -17.66 -28.05
N TYR C 63 -25.72 -17.76 -26.80
CA TYR C 63 -25.46 -19.03 -26.14
C TYR C 63 -26.66 -19.40 -25.28
N TYR C 64 -26.98 -20.70 -25.25
CA TYR C 64 -28.14 -21.20 -24.54
C TYR C 64 -27.70 -22.33 -23.61
N ALA C 65 -28.67 -22.89 -22.90
CA ALA C 65 -28.46 -24.09 -22.09
C ALA C 65 -28.85 -25.31 -22.92
N ASP C 66 -28.08 -26.40 -22.75
CA ASP C 66 -28.35 -27.61 -23.51
C ASP C 66 -29.74 -28.16 -23.24
N SER C 67 -30.28 -27.90 -22.05
CA SER C 67 -31.63 -28.37 -21.74
C SER C 67 -32.67 -27.67 -22.59
N VAL C 68 -32.43 -26.42 -22.98
CA VAL C 68 -33.39 -25.62 -23.73
C VAL C 68 -32.85 -25.17 -25.07
N LYS C 69 -31.63 -25.57 -25.44
CA LYS C 69 -31.06 -25.17 -26.72
C LYS C 69 -31.93 -25.68 -27.87
N GLY C 70 -32.41 -24.75 -28.69
CA GLY C 70 -33.31 -25.07 -29.77
C GLY C 70 -34.78 -24.83 -29.47
N ARG C 71 -35.13 -24.66 -28.20
CA ARG C 71 -36.51 -24.37 -27.80
C ARG C 71 -36.72 -22.93 -27.38
N PHE C 72 -35.73 -22.30 -26.78
CA PHE C 72 -35.80 -20.89 -26.40
C PHE C 72 -34.93 -20.08 -27.36
N THR C 73 -35.31 -18.82 -27.57
CA THR C 73 -34.57 -17.96 -28.47
C THR C 73 -34.46 -16.56 -27.88
N VAL C 74 -33.39 -15.88 -28.27
CA VAL C 74 -33.04 -14.56 -27.73
C VAL C 74 -33.12 -13.54 -28.86
N SER C 75 -33.46 -12.30 -28.51
CA SER C 75 -33.44 -11.22 -29.47
C SER C 75 -33.15 -9.90 -28.75
N LEU C 76 -32.58 -8.95 -29.48
CA LEU C 76 -32.17 -7.66 -28.94
C LEU C 76 -32.88 -6.53 -29.66
N VAL C 83 -34.17 -6.67 -24.24
CA VAL C 83 -33.89 -8.06 -24.61
C VAL C 83 -35.17 -8.86 -24.49
N TYR C 84 -35.44 -9.68 -25.51
CA TYR C 84 -36.62 -10.52 -25.57
C TYR C 84 -36.20 -11.97 -25.48
N LEU C 85 -36.83 -12.72 -24.58
CA LEU C 85 -36.66 -14.16 -24.46
C LEU C 85 -37.96 -14.82 -24.88
N GLN C 86 -37.95 -15.51 -26.02
CA GLN C 86 -39.12 -16.24 -26.50
C GLN C 86 -38.93 -17.72 -26.16
N MET C 87 -39.74 -18.21 -25.23
CA MET C 87 -39.66 -19.59 -24.76
C MET C 87 -40.80 -20.38 -25.37
N ASN C 88 -40.46 -21.46 -26.08
CA ASN C 88 -41.43 -22.35 -26.70
C ASN C 88 -41.38 -23.72 -26.05
N SER C 89 -42.45 -24.49 -26.25
CA SER C 89 -42.59 -25.84 -25.71
C SER C 89 -42.39 -25.84 -24.19
N LEU C 90 -43.29 -25.13 -23.51
CA LEU C 90 -43.18 -24.97 -22.07
C LEU C 90 -43.50 -26.27 -21.35
N LYS C 91 -42.82 -26.48 -20.21
CA LYS C 91 -42.98 -27.64 -19.37
C LYS C 91 -43.08 -27.19 -17.92
N PRO C 92 -43.75 -27.96 -17.07
CA PRO C 92 -43.93 -27.53 -15.67
C PRO C 92 -42.63 -27.34 -14.91
N GLU C 93 -41.50 -27.83 -15.43
CA GLU C 93 -40.21 -27.62 -14.78
C GLU C 93 -39.70 -26.19 -14.96
N ASP C 94 -40.36 -25.37 -15.77
CA ASP C 94 -39.89 -24.03 -16.07
C ASP C 94 -40.45 -22.98 -15.12
N THR C 95 -41.16 -23.37 -14.07
CA THR C 95 -41.69 -22.43 -13.08
C THR C 95 -40.53 -21.84 -12.29
N ALA C 96 -40.25 -20.55 -12.48
CA ALA C 96 -39.12 -19.93 -11.80
C ALA C 96 -39.22 -18.41 -11.94
N LEU C 97 -38.44 -17.73 -11.12
CA LEU C 97 -38.23 -16.29 -11.26
C LEU C 97 -37.09 -16.07 -12.25
N TYR C 98 -37.38 -15.40 -13.36
CA TYR C 98 -36.38 -15.11 -14.36
C TYR C 98 -35.74 -13.75 -14.11
N TYR C 99 -34.42 -13.72 -14.19
CA TYR C 99 -33.62 -12.53 -13.89
C TYR C 99 -32.85 -12.09 -15.12
N CYS C 100 -32.69 -10.78 -15.25
CA CYS C 100 -31.84 -10.19 -16.27
C CYS C 100 -30.44 -9.96 -15.73
N ALA C 101 -29.49 -9.78 -16.63
CA ALA C 101 -28.11 -9.59 -16.21
C ALA C 101 -27.30 -8.99 -17.34
N ALA C 102 -26.23 -8.28 -16.98
CA ALA C 102 -25.32 -7.68 -17.94
C ALA C 102 -23.89 -7.93 -17.49
N ALA C 103 -22.96 -7.76 -18.43
CA ALA C 103 -21.54 -8.02 -18.16
C ALA C 103 -20.70 -6.87 -18.70
N ASP C 104 -19.81 -6.35 -17.85
CA ASP C 104 -18.96 -5.24 -18.26
C ASP C 104 -18.01 -5.65 -19.38
N ASP C 105 -17.51 -6.88 -19.34
CA ASP C 105 -16.55 -7.35 -20.33
C ASP C 105 -16.72 -8.85 -20.52
N GLY C 106 -16.84 -9.27 -21.78
CA GLY C 106 -17.08 -10.67 -22.06
C GLY C 106 -16.71 -11.11 -23.46
N TRP C 107 -16.07 -12.27 -23.57
CA TRP C 107 -15.71 -12.85 -24.86
C TRP C 107 -16.34 -14.22 -25.07
N MET C 108 -16.14 -15.18 -24.15
CA MET C 108 -16.59 -16.54 -24.41
C MET C 108 -17.15 -17.28 -23.20
N PHE C 109 -17.36 -16.63 -22.05
CA PHE C 109 -17.81 -17.31 -20.83
C PHE C 109 -19.16 -16.77 -20.40
N PRO C 110 -20.23 -17.20 -21.05
CA PRO C 110 -21.57 -16.78 -20.63
C PRO C 110 -22.18 -17.75 -19.62
N LEU C 111 -23.44 -17.52 -19.25
CA LEU C 111 -24.30 -18.44 -18.52
C LEU C 111 -23.90 -18.62 -17.06
N TYR C 112 -22.91 -17.88 -16.57
CA TYR C 112 -22.46 -18.01 -15.19
C TYR C 112 -22.95 -16.81 -14.39
N HIS C 113 -23.58 -17.06 -13.26
CA HIS C 113 -24.14 -15.99 -12.44
C HIS C 113 -23.13 -15.34 -11.53
N ASN C 114 -21.84 -15.50 -11.81
CA ASN C 114 -20.79 -14.76 -11.13
C ASN C 114 -20.09 -13.77 -12.04
N HIS C 115 -20.13 -13.98 -13.36
CA HIS C 115 -19.56 -13.02 -14.30
C HIS C 115 -20.39 -11.74 -14.34
N TYR C 116 -21.71 -11.87 -14.29
CA TYR C 116 -22.61 -10.76 -14.54
C TYR C 116 -22.81 -9.98 -13.25
N GLU C 117 -22.41 -8.71 -13.25
CA GLU C 117 -22.46 -7.89 -12.05
C GLU C 117 -23.77 -7.13 -11.90
N TYR C 118 -24.42 -6.77 -13.01
CA TYR C 118 -25.66 -6.01 -12.99
C TYR C 118 -26.83 -6.98 -12.95
N TRP C 119 -27.64 -6.91 -11.89
CA TRP C 119 -28.69 -7.88 -11.65
C TRP C 119 -30.04 -7.19 -11.49
N GLY C 120 -31.08 -7.83 -12.03
CA GLY C 120 -32.43 -7.33 -11.91
C GLY C 120 -33.20 -8.04 -10.80
N GLN C 121 -34.50 -7.75 -10.74
CA GLN C 121 -35.36 -8.33 -9.72
C GLN C 121 -36.02 -9.63 -10.16
N GLY C 122 -36.26 -9.80 -11.45
CA GLY C 122 -36.83 -11.03 -11.94
C GLY C 122 -38.35 -11.06 -11.84
N THR C 123 -38.97 -11.80 -12.75
CA THR C 123 -40.41 -11.96 -12.79
C THR C 123 -40.76 -13.45 -12.81
N GLN C 124 -41.89 -13.77 -12.20
CA GLN C 124 -42.26 -15.17 -12.03
C GLN C 124 -42.96 -15.70 -13.28
N VAL C 125 -42.55 -16.91 -13.71
CA VAL C 125 -43.19 -17.61 -14.80
C VAL C 125 -43.57 -18.99 -14.29
N THR C 126 -44.86 -19.32 -14.35
CA THR C 126 -45.39 -20.58 -13.86
C THR C 126 -46.06 -21.33 -15.01
N VAL C 127 -45.55 -22.52 -15.30
CA VAL C 127 -46.11 -23.39 -16.34
C VAL C 127 -47.04 -24.38 -15.66
N SER C 128 -48.23 -24.54 -16.22
CA SER C 128 -49.23 -25.46 -15.69
C SER C 128 -49.43 -26.65 -16.61
N GLY D 6 -4.12 3.16 6.28
CA GLY D 6 -2.92 2.88 5.52
C GLY D 6 -1.66 2.86 6.37
N VAL D 7 -1.58 1.87 7.25
CA VAL D 7 -0.42 1.73 8.14
C VAL D 7 0.84 1.25 7.42
N PRO D 8 0.79 0.36 6.40
CA PRO D 8 2.05 -0.06 5.78
C PRO D 8 2.70 1.02 4.94
N PHE D 9 1.96 2.05 4.54
CA PHE D 9 2.56 3.10 3.72
C PHE D 9 3.62 3.87 4.48
N GLY D 10 3.47 4.03 5.80
CA GLY D 10 4.52 4.64 6.59
C GLY D 10 5.82 3.89 6.48
N LEU D 11 5.78 2.59 6.75
CA LEU D 11 6.99 1.78 6.70
C LEU D 11 7.55 1.70 5.28
N LEU D 12 6.69 1.75 4.27
CA LEU D 12 7.18 1.76 2.89
C LEU D 12 7.90 3.07 2.58
N SER D 13 7.33 4.21 3.00
CA SER D 13 8.04 5.47 2.89
C SER D 13 9.39 5.40 3.58
N GLY D 14 9.42 4.76 4.76
CA GLY D 14 10.68 4.62 5.47
C GLY D 14 11.71 3.83 4.70
N ILE D 15 11.33 2.65 4.21
CA ILE D 15 12.30 1.82 3.50
C ILE D 15 12.74 2.49 2.20
N PHE D 16 11.85 3.21 1.52
CA PHE D 16 12.24 3.83 0.27
C PHE D 16 13.10 5.06 0.48
N TRP D 17 12.86 5.84 1.53
CA TRP D 17 13.80 6.91 1.83
C TRP D 17 15.14 6.34 2.29
N GLY D 18 15.13 5.21 2.97
CA GLY D 18 16.40 4.58 3.33
C GLY D 18 17.20 4.16 2.13
N LEU D 19 16.53 3.56 1.14
CA LEU D 19 17.20 3.23 -0.11
C LEU D 19 17.71 4.48 -0.81
N GLY D 20 16.89 5.54 -0.86
CA GLY D 20 17.34 6.78 -1.47
C GLY D 20 18.56 7.37 -0.79
N LEU D 21 18.58 7.32 0.55
CA LEU D 21 19.69 7.90 1.30
C LEU D 21 20.96 7.07 1.14
N THR D 22 20.85 5.75 1.13
CA THR D 22 22.03 4.94 0.90
C THR D 22 22.46 4.90 -0.56
N VAL D 23 21.62 5.40 -1.47
CA VAL D 23 22.09 5.65 -2.83
C VAL D 23 22.81 7.00 -2.89
N SER D 24 22.30 7.99 -2.16
CA SER D 24 22.94 9.30 -2.12
C SER D 24 24.34 9.20 -1.51
N ALA D 25 24.48 8.41 -0.45
CA ALA D 25 25.79 8.20 0.13
C ALA D 25 26.74 7.56 -0.87
N TYR D 26 26.26 6.59 -1.64
CA TYR D 26 27.08 5.95 -2.65
C TYR D 26 27.51 6.94 -3.72
N ILE D 27 26.58 7.79 -4.17
CA ILE D 27 26.90 8.81 -5.17
C ILE D 27 27.99 9.73 -4.65
N PHE D 28 27.75 10.34 -3.49
CA PHE D 28 28.71 11.30 -2.94
C PHE D 28 30.03 10.64 -2.57
N SER D 29 30.05 9.31 -2.41
CA SER D 29 31.32 8.63 -2.14
C SER D 29 32.08 8.33 -3.42
N ILE D 30 31.37 7.97 -4.49
CA ILE D 30 32.05 7.63 -5.73
C ILE D 30 32.52 8.88 -6.46
N PHE D 31 31.90 10.03 -6.19
CA PHE D 31 32.25 11.29 -6.84
C PHE D 31 32.68 12.30 -5.79
N THR D 32 33.85 12.92 -6.00
CA THR D 32 34.40 13.89 -5.06
C THR D 32 34.03 15.32 -5.41
N ASP D 33 34.17 15.70 -6.69
CA ASP D 33 33.93 17.07 -7.11
C ASP D 33 32.45 17.45 -6.99
N LEU D 34 31.56 16.45 -6.93
CA LEU D 34 30.14 16.72 -6.91
C LEU D 34 29.74 17.50 -5.67
N SER D 35 28.77 18.41 -5.83
CA SER D 35 28.31 19.27 -4.75
C SER D 35 26.82 19.09 -4.53
N PRO D 36 26.35 19.22 -3.28
CA PRO D 36 24.93 18.95 -2.99
C PRO D 36 23.96 19.85 -3.73
N PHE D 37 24.38 21.04 -4.14
CA PHE D 37 23.46 21.95 -4.82
C PHE D 37 23.17 21.47 -6.24
N VAL D 38 24.19 20.95 -6.94
CA VAL D 38 23.96 20.38 -8.25
C VAL D 38 23.14 19.10 -8.14
N VAL D 39 23.43 18.28 -7.12
CA VAL D 39 22.74 17.01 -6.95
C VAL D 39 21.26 17.25 -6.66
N ALA D 40 20.95 18.16 -5.74
CA ALA D 40 19.56 18.42 -5.42
C ALA D 40 18.80 18.99 -6.62
N ALA D 41 19.45 19.90 -7.35
CA ALA D 41 18.80 20.51 -8.51
C ALA D 41 18.51 19.46 -9.58
N THR D 42 19.50 18.64 -9.92
CA THR D 42 19.28 17.63 -10.96
C THR D 42 18.29 16.57 -10.48
N HIS D 43 18.33 16.21 -9.20
CA HIS D 43 17.33 15.32 -8.63
C HIS D 43 15.92 15.85 -8.83
N ASP D 44 15.70 17.11 -8.48
CA ASP D 44 14.36 17.67 -8.58
C ASP D 44 13.92 17.81 -10.04
N PHE D 45 14.84 18.24 -10.91
CA PHE D 45 14.51 18.37 -12.32
C PHE D 45 14.19 17.02 -12.94
N LEU D 46 14.87 15.97 -12.49
CA LEU D 46 14.60 14.63 -13.00
C LEU D 46 13.29 14.08 -12.44
N SER D 47 13.00 14.38 -11.18
CA SER D 47 11.80 13.86 -10.54
C SER D 47 10.55 14.58 -10.96
N ILE D 48 10.66 15.78 -11.52
CA ILE D 48 9.46 16.47 -11.99
C ILE D 48 8.83 15.67 -13.13
N PHE D 49 9.65 15.02 -13.96
CA PHE D 49 9.13 14.18 -15.03
C PHE D 49 8.40 12.97 -14.45
N ILE D 50 8.98 12.36 -13.42
CA ILE D 50 8.35 11.21 -12.77
C ILE D 50 6.99 11.61 -12.20
N LEU D 51 6.92 12.81 -11.61
CA LEU D 51 5.65 13.26 -11.05
C LEU D 51 4.62 13.53 -12.15
N LEU D 52 5.04 14.15 -13.25
CA LEU D 52 4.11 14.32 -14.37
C LEU D 52 3.61 12.97 -14.87
N ALA D 53 4.49 11.96 -14.92
CA ALA D 53 4.08 10.63 -15.35
C ALA D 53 3.05 10.04 -14.39
N PHE D 54 3.33 10.12 -13.08
CA PHE D 54 2.39 9.64 -12.08
C PHE D 54 1.02 10.30 -12.24
N LEU D 55 1.02 11.62 -12.43
CA LEU D 55 -0.24 12.35 -12.51
C LEU D 55 -1.00 12.00 -13.78
N LEU D 56 -0.30 11.87 -14.91
CA LEU D 56 -0.95 11.52 -16.17
C LEU D 56 -1.50 10.10 -16.14
N VAL D 57 -0.82 9.19 -15.44
CA VAL D 57 -1.28 7.80 -15.40
C VAL D 57 -2.43 7.64 -14.41
N LYS D 58 -2.38 8.35 -13.28
CA LYS D 58 -3.38 8.16 -12.23
C LYS D 58 -4.74 8.67 -12.66
N GLU D 59 -4.81 9.92 -13.10
CA GLU D 59 -6.08 10.55 -13.46
C GLU D 59 -5.86 11.38 -14.72
N GLY D 60 -6.80 12.29 -14.98
CA GLY D 60 -6.75 13.17 -16.14
C GLY D 60 -5.44 13.92 -16.31
N LYS D 61 -5.23 14.46 -17.52
CA LYS D 61 -3.97 15.07 -17.90
C LYS D 61 -3.43 16.03 -16.85
N VAL D 62 -4.12 17.15 -16.64
CA VAL D 62 -3.69 18.17 -15.68
C VAL D 62 -4.93 18.81 -15.08
N ARG D 63 -4.81 19.23 -13.82
CA ARG D 63 -5.84 20.02 -13.14
C ARG D 63 -5.12 21.18 -12.46
N LEU D 64 -5.05 22.32 -13.14
CA LEU D 64 -4.37 23.50 -12.61
C LEU D 64 -5.31 24.45 -11.88
N SER D 65 -6.62 24.28 -12.02
CA SER D 65 -7.56 25.07 -11.25
C SER D 65 -7.53 24.71 -9.76
N ILE D 66 -6.99 23.54 -9.42
CA ILE D 66 -6.88 23.13 -8.03
C ILE D 66 -5.67 23.77 -7.35
N PHE D 67 -4.73 24.31 -8.11
CA PHE D 67 -3.54 24.98 -7.57
C PHE D 67 -3.85 26.42 -7.21
N LEU D 68 -4.80 26.60 -6.30
CA LEU D 68 -5.20 27.93 -5.88
C LEU D 68 -4.06 28.63 -5.16
N ASN D 69 -3.99 29.95 -5.32
CA ASN D 69 -2.88 30.71 -4.76
C ASN D 69 -3.01 30.88 -3.26
N ILE D 70 -4.23 30.93 -2.74
CA ILE D 70 -4.43 31.26 -1.32
C ILE D 70 -3.97 30.11 -0.43
N ARG D 71 -4.44 28.90 -0.72
CA ARG D 71 -4.21 27.78 0.20
C ARG D 71 -2.81 27.20 0.07
N ASN D 72 -2.33 27.02 -1.15
CA ASN D 72 -1.07 26.32 -1.38
C ASN D 72 0.17 27.16 -1.06
N VAL D 73 0.01 28.34 -0.46
CA VAL D 73 1.18 29.03 0.09
C VAL D 73 1.85 28.15 1.14
N SER D 74 1.07 27.35 1.86
CA SER D 74 1.64 26.45 2.85
C SER D 74 2.64 25.48 2.21
N VAL D 75 2.26 24.88 1.08
CA VAL D 75 3.14 23.88 0.50
C VAL D 75 4.39 24.52 -0.09
N ILE D 76 4.27 25.69 -0.73
CA ILE D 76 5.45 26.33 -1.29
C ILE D 76 6.39 26.80 -0.18
N ILE D 77 5.83 27.33 0.92
CA ILE D 77 6.69 27.77 2.01
C ILE D 77 7.36 26.58 2.68
N GLY D 78 6.64 25.45 2.79
CA GLY D 78 7.26 24.25 3.34
C GLY D 78 8.35 23.70 2.45
N ALA D 79 8.14 23.76 1.14
CA ALA D 79 9.14 23.25 0.20
C ALA D 79 10.40 24.10 0.25
N LEU D 80 10.25 25.42 0.17
CA LEU D 80 11.44 26.28 0.21
C LEU D 80 12.03 26.37 1.61
N LEU D 81 11.30 25.93 2.64
CA LEU D 81 11.81 25.92 4.00
C LEU D 81 12.47 24.60 4.37
N ALA D 82 12.15 23.52 3.67
CA ALA D 82 12.76 22.21 3.92
C ALA D 82 13.78 21.81 2.88
N GLY D 83 13.52 22.10 1.60
CA GLY D 83 14.40 21.69 0.53
C GLY D 83 15.72 22.44 0.48
N PRO D 84 15.68 23.73 0.11
CA PRO D 84 16.93 24.49 -0.06
C PRO D 84 17.69 24.70 1.24
N ILE D 85 17.06 25.35 2.21
CA ILE D 85 17.77 25.71 3.43
C ILE D 85 17.96 24.50 4.32
N GLY D 86 17.03 23.54 4.26
CA GLY D 86 17.23 22.28 4.96
C GLY D 86 18.51 21.61 4.55
N MET D 87 18.69 21.38 3.25
CA MET D 87 19.90 20.72 2.77
C MET D 87 21.13 21.59 3.00
N GLN D 88 20.99 22.91 2.86
CA GLN D 88 22.13 23.81 3.10
C GLN D 88 22.62 23.69 4.55
N ALA D 89 21.71 23.81 5.51
CA ALA D 89 22.10 23.72 6.91
C ALA D 89 22.53 22.30 7.29
N ASN D 90 21.98 21.28 6.63
CA ASN D 90 22.44 19.92 6.91
C ASN D 90 23.87 19.70 6.42
N LEU D 91 24.21 20.23 5.24
CA LEU D 91 25.58 20.16 4.77
C LEU D 91 26.51 21.00 5.66
N TYR D 92 26.00 22.13 6.16
CA TYR D 92 26.76 22.90 7.13
C TYR D 92 27.05 22.06 8.38
N ALA D 93 26.06 21.31 8.85
CA ALA D 93 26.27 20.43 10.01
C ALA D 93 27.26 19.32 9.69
N VAL D 94 27.21 18.79 8.47
CA VAL D 94 28.19 17.78 8.06
C VAL D 94 29.60 18.35 8.13
N LYS D 95 29.80 19.55 7.59
CA LYS D 95 31.12 20.16 7.64
C LYS D 95 31.50 20.56 9.06
N TYR D 96 30.52 20.78 9.93
CA TYR D 96 30.81 21.27 11.28
C TYR D 96 31.14 20.13 12.25
N ILE D 97 30.17 19.25 12.50
CA ILE D 97 30.25 18.31 13.62
C ILE D 97 30.19 16.86 13.18
N GLY D 98 30.31 16.58 11.89
CA GLY D 98 30.34 15.20 11.45
C GLY D 98 29.32 14.84 10.40
N SER D 99 29.60 13.76 9.66
CA SER D 99 28.76 13.38 8.53
C SER D 99 27.54 12.56 8.96
N SER D 100 27.56 11.98 10.15
CA SER D 100 26.50 11.07 10.57
C SER D 100 25.67 11.57 11.75
N LEU D 101 26.06 12.69 12.37
CA LEU D 101 25.24 13.25 13.44
C LEU D 101 24.11 14.10 12.89
N ALA D 102 24.37 14.81 11.79
CA ALA D 102 23.32 15.58 11.13
C ALA D 102 22.18 14.67 10.68
N SER D 103 22.51 13.48 10.17
CA SER D 103 21.47 12.52 9.79
C SER D 103 20.72 12.02 11.02
N SER D 104 21.42 11.85 12.14
CA SER D 104 20.75 11.40 13.36
C SER D 104 19.76 12.45 13.85
N VAL D 105 20.11 13.74 13.74
CA VAL D 105 19.16 14.77 14.13
C VAL D 105 18.02 14.86 13.11
N SER D 106 18.34 14.71 11.82
CA SER D 106 17.31 14.67 10.81
C SER D 106 16.35 13.51 11.01
N ALA D 107 16.79 12.48 11.73
CA ALA D 107 15.92 11.38 12.12
C ALA D 107 15.18 11.65 13.43
N ILE D 108 15.77 12.43 14.34
CA ILE D 108 15.07 12.83 15.55
C ILE D 108 14.10 13.98 15.29
N TYR D 109 14.02 14.42 14.03
CA TYR D 109 13.11 15.48 13.64
C TYR D 109 11.66 15.40 14.15
N PRO D 110 11.01 14.23 14.28
CA PRO D 110 9.57 14.24 14.57
C PRO D 110 9.16 14.94 15.86
N ALA D 111 10.10 15.42 16.69
CA ALA D 111 9.72 16.11 17.91
C ALA D 111 8.96 17.40 17.60
N ILE D 112 9.52 18.23 16.71
CA ILE D 112 8.87 19.49 16.39
C ILE D 112 7.53 19.24 15.71
N SER D 113 7.45 18.17 14.91
CA SER D 113 6.19 17.84 14.25
C SER D 113 5.14 17.39 15.25
N VAL D 114 5.53 16.57 16.22
CA VAL D 114 4.58 16.08 17.21
C VAL D 114 4.15 17.22 18.14
N LEU D 115 4.96 18.27 18.25
CA LEU D 115 4.54 19.45 19.00
C LEU D 115 3.57 20.29 18.19
N LEU D 116 3.93 20.60 16.93
CA LEU D 116 3.12 21.50 16.11
C LEU D 116 1.76 20.90 15.80
N ALA D 117 1.72 19.64 15.35
CA ALA D 117 0.45 19.01 15.01
C ALA D 117 -0.54 19.08 16.16
N PHE D 118 -0.05 18.99 17.39
CA PHE D 118 -0.93 19.15 18.54
C PHE D 118 -1.32 20.60 18.74
N PHE D 119 -0.33 21.50 18.84
CA PHE D 119 -0.63 22.88 19.22
C PHE D 119 -1.27 23.65 18.08
N PHE D 120 -0.66 23.61 16.88
CA PHE D 120 -1.09 24.50 15.81
C PHE D 120 -2.30 23.94 15.04
N LEU D 121 -2.27 22.67 14.69
CA LEU D 121 -3.35 22.06 13.92
C LEU D 121 -4.47 21.50 14.79
N LYS D 122 -4.32 21.53 16.12
CA LYS D 122 -5.33 21.02 17.03
C LYS D 122 -5.62 19.55 16.77
N HIS D 123 -4.57 18.75 16.76
CA HIS D 123 -4.69 17.30 16.61
C HIS D 123 -4.65 16.63 17.98
N LYS D 124 -5.20 15.42 18.04
CA LYS D 124 -5.47 14.75 19.30
C LYS D 124 -4.58 13.51 19.40
N ILE D 125 -3.36 13.74 19.89
CA ILE D 125 -2.32 12.71 20.03
C ILE D 125 -1.79 12.74 21.45
N SER D 126 -2.63 13.12 22.41
CA SER D 126 -2.16 13.58 23.71
C SER D 126 -1.26 12.56 24.41
N LYS D 127 -1.59 11.27 24.35
CA LYS D 127 -0.84 10.28 25.11
C LYS D 127 -0.49 9.01 24.34
N ASN D 128 -1.09 8.73 23.19
CA ASN D 128 -0.87 7.46 22.51
C ASN D 128 0.52 7.41 21.86
N THR D 129 0.81 8.37 20.98
CA THR D 129 2.03 8.38 20.18
C THR D 129 3.22 9.00 20.91
N VAL D 130 2.95 9.88 21.89
CA VAL D 130 4.00 10.62 22.56
C VAL D 130 5.04 9.67 23.16
N PHE D 131 4.61 8.51 23.64
CA PHE D 131 5.56 7.61 24.29
C PHE D 131 6.49 6.95 23.29
N GLY D 132 5.96 6.44 22.18
CA GLY D 132 6.82 5.89 21.15
C GLY D 132 7.79 6.92 20.60
N ILE D 133 7.31 8.14 20.37
CA ILE D 133 8.20 9.16 19.81
C ILE D 133 9.25 9.58 20.82
N VAL D 134 8.89 9.66 22.11
CA VAL D 134 9.87 9.99 23.14
C VAL D 134 10.91 8.88 23.26
N LEU D 135 10.49 7.64 23.09
CA LEU D 135 11.44 6.53 23.16
C LEU D 135 12.40 6.56 21.98
N ILE D 136 11.88 6.86 20.78
CA ILE D 136 12.76 6.99 19.62
C ILE D 136 13.75 8.13 19.83
N ILE D 137 13.27 9.25 20.38
CA ILE D 137 14.14 10.39 20.65
C ILE D 137 15.22 10.02 21.66
N GLY D 138 14.83 9.29 22.71
CA GLY D 138 15.81 8.85 23.68
C GLY D 138 16.85 7.93 23.09
N GLY D 139 16.43 7.03 22.20
CA GLY D 139 17.40 6.18 21.52
C GLY D 139 18.37 6.97 20.66
N ILE D 140 17.85 7.96 19.93
CA ILE D 140 18.73 8.74 19.05
C ILE D 140 19.68 9.60 19.86
N ILE D 141 19.25 10.10 21.02
CA ILE D 141 20.18 10.89 21.83
C ILE D 141 21.16 9.98 22.58
N ALA D 142 20.75 8.75 22.91
CA ALA D 142 21.67 7.81 23.54
C ALA D 142 22.70 7.27 22.55
N GLN D 143 22.39 7.31 21.25
CA GLN D 143 23.41 7.00 20.25
C GLN D 143 24.64 7.90 20.41
N THR D 144 24.42 9.14 20.84
CA THR D 144 25.48 10.13 21.04
C THR D 144 25.41 10.70 22.46
N SER D 152 31.81 23.81 21.00
CA SER D 152 31.40 23.67 19.61
C SER D 152 30.14 22.85 19.46
N PHE D 153 29.83 21.99 20.43
CA PHE D 153 28.60 21.20 20.37
C PHE D 153 27.36 22.08 20.47
N TYR D 154 27.47 23.22 21.16
CA TYR D 154 26.31 24.07 21.35
C TYR D 154 25.85 24.72 20.04
N ILE D 155 26.78 24.95 19.11
CA ILE D 155 26.41 25.48 17.81
C ILE D 155 26.03 24.36 16.84
N GLY D 156 26.68 23.20 16.96
CA GLY D 156 26.29 22.06 16.15
C GLY D 156 24.87 21.61 16.43
N ILE D 157 24.50 21.52 17.70
CA ILE D 157 23.13 21.14 18.04
C ILE D 157 22.17 22.26 17.64
N LEU D 158 22.64 23.51 17.62
CA LEU D 158 21.77 24.60 17.21
C LEU D 158 21.43 24.49 15.72
N CYS D 159 22.45 24.31 14.88
CA CYS D 159 22.19 24.12 13.45
C CYS D 159 21.40 22.84 13.20
N ALA D 160 21.65 21.80 13.99
CA ALA D 160 20.92 20.55 13.83
C ALA D 160 19.44 20.73 14.16
N LEU D 161 19.13 21.47 15.22
CA LEU D 161 17.73 21.72 15.54
C LEU D 161 17.11 22.67 14.53
N VAL D 162 17.91 23.55 13.92
CA VAL D 162 17.39 24.38 12.84
C VAL D 162 17.00 23.52 11.64
N CYS D 163 17.78 22.49 11.33
CA CYS D 163 17.37 21.55 10.28
C CYS D 163 16.14 20.75 10.68
N ALA D 164 16.10 20.28 11.93
CA ALA D 164 15.01 19.44 12.38
C ALA D 164 13.69 20.18 12.43
N ILE D 165 13.70 21.45 12.85
CA ILE D 165 12.46 22.24 12.89
C ILE D 165 11.86 22.34 11.50
N ALA D 166 12.69 22.65 10.50
CA ALA D 166 12.20 22.76 9.14
C ALA D 166 11.69 21.42 8.61
N TRP D 167 12.46 20.36 8.81
CA TRP D 167 12.06 19.08 8.24
C TRP D 167 10.88 18.45 8.99
N GLY D 168 10.58 18.93 10.20
CA GLY D 168 9.41 18.46 10.91
C GLY D 168 8.21 19.35 10.66
N SER D 169 8.47 20.60 10.28
CA SER D 169 7.38 21.52 9.97
C SER D 169 6.88 21.38 8.54
N GLU D 170 7.70 20.85 7.61
CA GLU D 170 7.15 20.59 6.29
C GLU D 170 6.00 19.60 6.37
N SER D 171 6.04 18.68 7.33
CA SER D 171 4.96 17.70 7.48
C SER D 171 3.68 18.35 7.98
N VAL D 172 3.79 19.18 9.02
CA VAL D 172 2.62 19.88 9.54
C VAL D 172 2.03 20.78 8.47
N LEU D 173 2.88 21.43 7.66
CA LEU D 173 2.37 22.25 6.57
C LEU D 173 1.68 21.40 5.52
N SER D 174 2.32 20.30 5.10
CA SER D 174 1.77 19.43 4.06
C SER D 174 0.48 18.75 4.49
N SER D 175 0.22 18.61 5.79
CA SER D 175 -1.06 18.11 6.25
C SER D 175 -2.09 19.23 6.43
N PHE D 176 -1.68 20.48 6.25
CA PHE D 176 -2.61 21.59 6.30
C PHE D 176 -3.31 21.80 4.97
N ALA D 177 -2.57 21.68 3.86
CA ALA D 177 -3.16 21.90 2.55
C ALA D 177 -4.07 20.76 2.14
N MET D 178 -3.63 19.52 2.38
CA MET D 178 -4.35 18.33 1.91
C MET D 178 -5.61 18.04 2.73
N GLU D 179 -6.03 18.96 3.61
CA GLU D 179 -7.27 18.74 4.35
C GLU D 179 -8.48 18.77 3.41
N SER D 180 -8.44 19.61 2.39
CA SER D 180 -9.60 19.78 1.51
C SER D 180 -9.12 20.06 0.09
N GLU D 181 -9.43 19.13 -0.83
CA GLU D 181 -9.28 19.33 -2.26
C GLU D 181 -7.81 19.53 -2.66
N LEU D 182 -6.95 18.60 -2.24
CA LEU D 182 -5.59 18.52 -2.74
C LEU D 182 -5.09 17.10 -2.50
N SER D 183 -4.98 16.33 -3.58
CA SER D 183 -4.61 14.93 -3.48
C SER D 183 -3.12 14.80 -3.15
N GLU D 184 -2.69 13.56 -2.99
CA GLU D 184 -1.30 13.29 -2.60
C GLU D 184 -0.33 13.65 -3.72
N ILE D 185 -0.74 13.47 -4.97
CA ILE D 185 0.19 13.63 -6.09
C ILE D 185 0.35 15.09 -6.47
N GLU D 186 -0.67 15.92 -6.27
CA GLU D 186 -0.55 17.33 -6.62
C GLU D 186 0.14 18.13 -5.53
N ALA D 187 -0.22 17.88 -4.26
CA ALA D 187 0.44 18.58 -3.15
C ALA D 187 1.94 18.33 -3.12
N LEU D 188 2.40 17.24 -3.74
CA LEU D 188 3.82 16.97 -3.89
C LEU D 188 4.38 17.51 -5.19
N LEU D 189 3.55 17.59 -6.23
CA LEU D 189 3.98 18.15 -7.51
C LEU D 189 4.39 19.61 -7.35
N ILE D 190 3.53 20.41 -6.71
CA ILE D 190 3.87 21.81 -6.45
C ILE D 190 5.09 21.91 -5.55
N ARG D 191 5.21 21.00 -4.58
CA ARG D 191 6.39 21.00 -3.72
C ARG D 191 7.66 20.86 -4.53
N GLN D 192 7.70 19.88 -5.44
CA GLN D 192 8.91 19.65 -6.22
C GLN D 192 9.14 20.78 -7.23
N VAL D 193 8.06 21.31 -7.81
CA VAL D 193 8.21 22.45 -8.73
C VAL D 193 8.87 23.62 -8.02
N THR D 194 8.39 23.94 -6.83
CA THR D 194 8.91 25.09 -6.11
C THR D 194 10.32 24.85 -5.59
N SER D 195 10.63 23.63 -5.14
CA SER D 195 11.99 23.34 -4.73
C SER D 195 12.95 23.42 -5.92
N PHE D 196 12.50 22.99 -7.10
CA PHE D 196 13.34 23.11 -8.28
C PHE D 196 13.57 24.56 -8.66
N LEU D 197 12.52 25.38 -8.61
CA LEU D 197 12.69 26.81 -8.87
C LEU D 197 13.66 27.43 -7.89
N SER D 198 13.55 27.07 -6.60
CA SER D 198 14.42 27.65 -5.58
C SER D 198 15.88 27.26 -5.82
N TYR D 199 16.12 25.97 -6.08
CA TYR D 199 17.49 25.55 -6.34
C TYR D 199 18.03 26.16 -7.63
N LEU D 200 17.17 26.38 -8.62
CA LEU D 200 17.59 27.06 -9.85
C LEU D 200 18.04 28.48 -9.54
N VAL D 201 17.23 29.22 -8.77
CA VAL D 201 17.60 30.57 -8.39
C VAL D 201 18.90 30.58 -7.60
N ILE D 202 19.08 29.61 -6.71
CA ILE D 202 20.31 29.56 -5.90
C ILE D 202 21.52 29.28 -6.77
N VAL D 203 21.41 28.34 -7.72
CA VAL D 203 22.54 28.00 -8.56
C VAL D 203 22.87 29.15 -9.51
N LEU D 204 21.85 29.81 -10.06
CA LEU D 204 22.08 30.84 -11.05
C LEU D 204 22.89 32.01 -10.47
N PHE D 205 22.61 32.36 -9.20
CA PHE D 205 23.37 33.44 -8.57
C PHE D 205 24.81 33.04 -8.30
N SER D 206 25.06 31.75 -8.08
CA SER D 206 26.41 31.26 -7.79
C SER D 206 27.11 30.71 -9.02
N HIS D 207 26.41 30.56 -10.14
CA HIS D 207 26.99 30.07 -11.39
C HIS D 207 27.64 28.70 -11.20
N GLN D 208 26.93 27.80 -10.52
CA GLN D 208 27.44 26.46 -10.29
C GLN D 208 27.44 25.67 -11.59
N SER D 209 28.54 24.97 -11.85
CA SER D 209 28.70 24.27 -13.12
C SER D 209 27.78 23.06 -13.21
N PHE D 210 27.28 22.79 -14.41
CA PHE D 210 26.41 21.65 -14.69
C PHE D 210 27.09 20.58 -15.54
N THR D 211 28.42 20.61 -15.63
CA THR D 211 29.11 19.66 -16.50
C THR D 211 29.09 18.24 -15.94
N ALA D 212 28.97 18.09 -14.62
CA ALA D 212 29.03 16.77 -14.03
C ALA D 212 27.79 15.94 -14.33
N VAL D 213 26.64 16.59 -14.56
CA VAL D 213 25.39 15.86 -14.75
C VAL D 213 25.37 15.13 -16.09
N ALA D 214 26.19 15.57 -17.04
CA ALA D 214 26.17 14.97 -18.37
C ALA D 214 26.65 13.51 -18.37
N ASN D 215 27.30 13.07 -17.31
CA ASN D 215 27.80 11.69 -17.26
C ASN D 215 26.65 10.70 -17.24
N GLY D 216 26.77 9.64 -18.04
CA GLY D 216 25.71 8.65 -18.12
C GLY D 216 25.55 7.86 -16.84
N GLN D 217 26.66 7.47 -16.23
CA GLN D 217 26.59 6.77 -14.95
C GLN D 217 25.94 7.61 -13.88
N LEU D 218 26.33 8.89 -13.79
CA LEU D 218 25.73 9.79 -12.81
C LEU D 218 24.25 10.00 -13.11
N LEU D 219 23.88 10.05 -14.39
CA LEU D 219 22.46 10.20 -14.73
C LEU D 219 21.65 8.97 -14.33
N GLY D 220 22.21 7.77 -14.52
CA GLY D 220 21.53 6.57 -14.08
C GLY D 220 21.36 6.54 -12.57
N LEU D 221 22.44 6.86 -11.84
CA LEU D 221 22.34 6.91 -10.38
C LEU D 221 21.31 7.94 -9.95
N MET D 222 21.27 9.09 -10.64
CA MET D 222 20.32 10.12 -10.26
C MET D 222 18.88 9.71 -10.56
N ILE D 223 18.65 8.98 -11.65
CA ILE D 223 17.27 8.60 -11.93
C ILE D 223 16.80 7.50 -10.98
N VAL D 224 17.68 6.57 -10.59
CA VAL D 224 17.25 5.59 -9.61
C VAL D 224 17.05 6.24 -8.24
N PHE D 225 17.92 7.20 -7.89
CA PHE D 225 17.76 7.91 -6.62
C PHE D 225 16.48 8.73 -6.61
N ALA D 226 16.16 9.38 -7.73
CA ALA D 226 14.94 10.16 -7.82
C ALA D 226 13.71 9.27 -7.76
N ALA D 227 13.77 8.09 -8.40
CA ALA D 227 12.64 7.17 -8.35
C ALA D 227 12.40 6.68 -6.92
N PHE D 228 13.48 6.29 -6.23
CA PHE D 228 13.35 5.85 -4.84
C PHE D 228 12.81 6.97 -3.96
N ASP D 229 13.43 8.15 -4.02
CA ASP D 229 13.00 9.27 -3.21
C ASP D 229 11.56 9.66 -3.50
N MET D 230 11.13 9.54 -4.76
CA MET D 230 9.78 9.99 -5.11
C MET D 230 8.74 8.98 -4.70
N ILE D 231 9.04 7.68 -4.81
CA ILE D 231 8.12 6.69 -4.25
C ILE D 231 8.02 6.87 -2.74
N SER D 232 9.15 7.21 -2.10
CA SER D 232 9.14 7.46 -0.65
C SER D 232 8.22 8.63 -0.32
N TYR D 233 8.42 9.77 -0.99
CA TYR D 233 7.60 10.94 -0.71
C TYR D 233 6.13 10.69 -1.01
N LEU D 234 5.84 9.93 -2.07
CA LEU D 234 4.46 9.66 -2.44
C LEU D 234 3.78 8.80 -1.39
N ALA D 235 4.42 7.72 -0.96
CA ALA D 235 3.85 6.88 0.09
C ALA D 235 3.73 7.67 1.39
N TYR D 236 4.70 8.53 1.68
CA TYR D 236 4.67 9.31 2.90
C TYR D 236 3.51 10.30 2.90
N TYR D 237 3.22 10.92 1.77
CA TYR D 237 2.09 11.85 1.70
C TYR D 237 0.76 11.13 1.67
N ILE D 238 0.70 9.92 1.08
CA ILE D 238 -0.50 9.12 1.18
C ILE D 238 -0.78 8.75 2.63
N ALA D 239 0.28 8.46 3.39
CA ALA D 239 0.13 8.22 4.81
C ALA D 239 -0.39 9.46 5.52
N ILE D 240 0.33 10.58 5.40
CA ILE D 240 -0.06 11.83 6.05
C ILE D 240 -1.52 12.16 5.75
N ASN D 241 -1.95 11.92 4.50
CA ASN D 241 -3.32 12.25 4.10
C ASN D 241 -4.34 11.54 4.99
N ARG D 242 -4.08 10.29 5.34
CA ARG D 242 -5.06 9.46 6.04
C ARG D 242 -4.56 8.91 7.36
N LEU D 243 -3.41 9.40 7.82
CA LEU D 243 -2.82 8.95 9.08
C LEU D 243 -2.24 10.15 9.86
N GLN D 244 -2.53 11.35 9.36
CA GLN D 244 -2.10 12.64 9.93
C GLN D 244 -0.58 12.89 10.01
N PRO D 245 -0.21 13.99 10.69
CA PRO D 245 1.20 14.37 10.86
C PRO D 245 1.81 13.87 12.15
N ALA D 246 0.97 13.52 13.12
CA ALA D 246 1.46 13.03 14.42
C ALA D 246 2.12 11.65 14.45
N LYS D 247 1.57 10.68 13.74
CA LYS D 247 2.17 9.36 13.69
C LYS D 247 2.75 9.10 12.32
N ALA D 248 2.25 9.75 11.27
CA ALA D 248 2.80 9.46 9.96
C ALA D 248 4.27 9.82 9.84
N THR D 249 4.78 10.70 10.70
CA THR D 249 6.23 10.93 10.76
C THR D 249 6.92 9.93 11.68
N GLY D 250 6.29 9.59 12.80
CA GLY D 250 6.87 8.62 13.71
C GLY D 250 7.06 7.27 13.04
N LEU D 251 6.05 6.81 12.28
CA LEU D 251 6.19 5.57 11.54
C LEU D 251 7.32 5.64 10.52
N ASN D 252 7.49 6.79 9.88
CA ASN D 252 8.54 6.94 8.88
C ASN D 252 9.92 7.01 9.51
N VAL D 253 10.03 7.41 10.79
CA VAL D 253 11.34 7.46 11.45
C VAL D 253 12.10 6.15 11.33
N SER D 254 11.38 5.05 11.08
CA SER D 254 12.03 3.74 10.95
C SER D 254 13.13 3.72 9.89
N TYR D 255 13.20 4.73 9.03
CA TYR D 255 14.19 4.71 7.96
C TYR D 255 15.62 4.71 8.46
N VAL D 256 15.86 5.05 9.73
CA VAL D 256 17.22 5.00 10.25
C VAL D 256 17.68 3.56 10.40
N VAL D 257 16.79 2.67 10.84
CA VAL D 257 17.12 1.24 10.91
C VAL D 257 17.57 0.75 9.55
N TRP D 258 16.76 1.01 8.53
CA TRP D 258 17.12 0.62 7.17
C TRP D 258 18.46 1.22 6.77
N THR D 259 18.55 2.55 6.75
CA THR D 259 19.80 3.22 6.38
C THR D 259 21.03 2.58 7.00
N VAL D 260 20.97 2.28 8.30
CA VAL D 260 22.11 1.63 8.96
C VAL D 260 22.32 0.23 8.41
N LEU D 261 21.23 -0.51 8.20
CA LEU D 261 21.36 -1.88 7.69
C LEU D 261 22.00 -1.89 6.31
N PHE D 262 21.51 -1.05 5.41
CA PHE D 262 22.03 -1.00 4.05
C PHE D 262 23.43 -0.40 4.00
N ALA D 263 23.80 0.43 4.98
CA ALA D 263 25.16 0.95 5.03
C ALA D 263 26.13 -0.13 5.48
N VAL D 264 25.75 -0.93 6.48
CA VAL D 264 26.64 -1.98 6.96
C VAL D 264 26.64 -3.20 6.06
N VAL D 265 25.65 -3.34 5.16
CA VAL D 265 25.59 -4.49 4.28
C VAL D 265 26.28 -4.17 2.95
N PHE D 266 25.79 -3.14 2.25
CA PHE D 266 26.23 -2.87 0.88
C PHE D 266 27.47 -1.99 0.82
N LEU D 267 27.40 -0.80 1.41
CA LEU D 267 28.52 0.14 1.36
C LEU D 267 29.70 -0.28 2.22
N GLY D 268 29.56 -1.32 3.03
CA GLY D 268 30.64 -1.76 3.88
C GLY D 268 30.96 -0.77 4.98
N ALA D 269 29.94 -0.31 5.68
CA ALA D 269 30.16 0.57 6.81
C ALA D 269 30.47 -0.25 8.06
N PRO D 270 31.43 0.16 8.88
CA PRO D 270 31.78 -0.64 10.05
C PRO D 270 30.62 -0.69 11.05
N LEU D 271 30.48 -1.85 11.70
CA LEU D 271 29.42 -2.08 12.66
C LEU D 271 29.98 -1.99 14.07
N ASP D 272 29.29 -1.25 14.93
CA ASP D 272 29.66 -1.10 16.33
C ASP D 272 28.49 -1.54 17.20
N MET D 273 28.80 -1.84 18.47
CA MET D 273 27.78 -2.37 19.37
C MET D 273 26.76 -1.31 19.76
N LEU D 274 27.17 -0.04 19.82
CA LEU D 274 26.24 1.02 20.21
C LEU D 274 25.17 1.24 19.15
N THR D 275 25.54 1.13 17.87
CA THR D 275 24.55 1.31 16.82
C THR D 275 23.51 0.20 16.83
N ILE D 276 23.90 -1.02 17.22
CA ILE D 276 22.92 -2.09 17.36
C ILE D 276 21.93 -1.76 18.46
N MET D 277 22.42 -1.21 19.58
CA MET D 277 21.51 -0.82 20.66
C MET D 277 20.57 0.29 20.23
N THR D 278 21.09 1.29 19.49
CA THR D 278 20.22 2.37 19.03
C THR D 278 19.17 1.85 18.04
N SER D 279 19.57 0.95 17.14
CA SER D 279 18.62 0.38 16.20
C SER D 279 17.56 -0.44 16.93
N LEU D 280 17.96 -1.19 17.96
CA LEU D 280 16.99 -1.95 18.74
C LEU D 280 16.02 -1.02 19.46
N VAL D 281 16.52 0.09 20.00
CA VAL D 281 15.63 1.04 20.67
C VAL D 281 14.61 1.61 19.69
N VAL D 282 15.08 2.03 18.51
CA VAL D 282 14.16 2.69 17.58
C VAL D 282 13.18 1.68 16.98
N ILE D 283 13.61 0.44 16.76
CA ILE D 283 12.66 -0.55 16.26
C ILE D 283 11.66 -0.93 17.35
N ALA D 284 12.09 -0.92 18.62
CA ALA D 284 11.15 -1.13 19.71
C ALA D 284 10.12 -0.01 19.74
N GLY D 285 10.55 1.22 19.55
CA GLY D 285 9.60 2.32 19.47
C GLY D 285 8.61 2.17 18.33
N VAL D 286 9.12 1.87 17.13
CA VAL D 286 8.26 1.73 15.97
C VAL D 286 7.26 0.59 16.18
N TYR D 287 7.68 -0.48 16.86
CA TYR D 287 6.74 -1.55 17.16
C TYR D 287 5.73 -1.13 18.22
N ILE D 288 6.16 -0.28 19.17
CA ILE D 288 5.24 0.20 20.20
C ILE D 288 4.16 1.08 19.59
N ILE D 289 4.48 1.80 18.52
CA ILE D 289 3.51 2.74 17.96
C ILE D 289 2.32 2.03 17.35
N ILE D 290 2.41 0.73 17.10
CA ILE D 290 1.29 -0.04 16.57
C ILE D 290 0.94 -1.22 17.47
C39 PGT E . 19.60 -1.69 -6.56
C38 PGT E . 20.11 -2.75 -5.60
C37 PGT E . 21.10 -3.67 -6.29
C36 PGT E . 21.43 -4.88 -5.41
C35 PGT E . 22.66 -4.60 -4.55
C34 PGT E . 23.56 -3.56 -5.20
C33 PGT E . 24.16 -4.09 -6.49
C32 PGT E . 25.66 -4.30 -6.35
C31 PGT E . 26.33 -2.96 -6.21
O31 PGT E . 25.80 -1.95 -6.63
O2 PGT E . 27.64 -2.88 -5.56
C2 PGT E . 28.27 -1.61 -5.76
C1 PGT E . 29.51 -1.80 -6.65
O3P PGT E . 30.71 -1.49 -5.96
P PGT E . 31.64 -2.66 -5.36
O1P PGT E . 32.58 -3.12 -6.46
O2P PGT E . 30.74 -3.67 -4.68
O4P PGT E . 32.50 -1.90 -4.24
C4 PGT E . 33.25 -2.63 -3.27
C5 PGT E . 32.98 -2.07 -1.88
O5 PGT E . 32.89 -0.64 -1.95
C6 PGT E . 34.11 -2.46 -0.94
O6 PGT E . 34.12 -1.58 0.19
C3 PGT E . 28.63 -1.01 -4.41
O3 PGT E . 27.50 -1.03 -3.56
C11 PGT E . 26.39 -0.12 -3.79
O11 PGT E . 26.63 1.04 -4.07
C12 PGT E . 24.96 -0.61 -3.69
C13 PGT E . 24.01 0.55 -3.93
C14 PGT E . 23.82 1.38 -2.66
C15 PGT E . 22.35 1.41 -2.24
C16 PGT E . 21.70 0.05 -2.46
C17 PGT E . 20.31 0.01 -1.84
C18 PGT E . 19.31 0.83 -2.67
C19 PGT E . 19.66 0.77 -4.15
#